data_2DSA
#
_entry.id   2DSA
#
_cell.length_a   112.2
_cell.length_b   112.2
_cell.length_c   221.9
_cell.angle_alpha   90.00
_cell.angle_beta   90.00
_cell.angle_gamma   120.00
#
_symmetry.space_group_name_H-M   'H 3'
#
loop_
_entity.id
_entity.type
_entity.pdbx_description
1 polymer 'Glutathione S-transferase'
2 non-polymer GLUTATHIONE
3 non-polymer '(2Z,4E)-2-HYDROXY-6-OXO-6-PHENYLHEXA-2,4-DIENOIC ACID'
4 water water
#
_entity_poly.entity_id   1
_entity_poly.type   'polypeptide(L)'
_entity_poly.pdbx_seq_one_letter_code
;MKLYYSPGACSLSPHIALREAGLNFELVQVDLASKKTASGQDYLEVNPAGYVPCLQLDDGRTLTEGPAIVQYVADQVPGK
QLAPANGSFERYHLQQWLNFISSELHKSFSPLFNPASSDEWKNAVRQSLNTRLGQVARQLEHAPYLLGDQLSVADIYLFV
VLGWSAYVNIDLSPWPSLQAFQGRVGGREAVQSALRAEGLIKE
;
_entity_poly.pdbx_strand_id   A,B,C,D
#
# COMPACT_ATOMS: atom_id res chain seq x y z
N MET A 1 -4.95 3.83 21.73
CA MET A 1 -6.01 3.17 20.92
C MET A 1 -7.20 2.87 21.82
N LYS A 2 -8.38 3.33 21.40
CA LYS A 2 -9.63 3.07 22.11
C LYS A 2 -10.62 2.30 21.23
N LEU A 3 -11.26 1.30 21.80
CA LEU A 3 -12.37 0.63 21.12
C LEU A 3 -13.70 0.91 21.83
N TYR A 4 -14.61 1.56 21.11
CA TYR A 4 -15.96 1.79 21.59
C TYR A 4 -16.77 0.52 21.37
N TYR A 5 -17.37 0.03 22.45
CA TYR A 5 -18.05 -1.25 22.42
C TYR A 5 -19.34 -1.26 23.24
N SER A 6 -20.19 -2.24 22.97
CA SER A 6 -21.27 -2.60 23.87
C SER A 6 -21.20 -4.10 24.09
N PRO A 7 -21.30 -4.55 25.37
CA PRO A 7 -21.12 -5.98 25.66
C PRO A 7 -21.93 -6.88 24.73
N GLY A 8 -21.24 -7.80 24.05
CA GLY A 8 -21.90 -8.83 23.24
C GLY A 8 -22.31 -8.37 21.84
N ALA A 9 -22.26 -7.07 21.58
CA ALA A 9 -22.56 -6.50 20.27
C ALA A 9 -21.46 -6.86 19.29
N CYS A 10 -21.61 -6.43 18.04
CA CYS A 10 -20.65 -6.79 16.98
C CYS A 10 -19.23 -6.28 17.27
N SER A 11 -19.10 -5.30 18.18
CA SER A 11 -17.81 -4.78 18.59
C SER A 11 -16.94 -5.83 19.28
N LEU A 12 -17.57 -6.93 19.68
CA LEU A 12 -16.85 -8.05 20.25
C LEU A 12 -15.87 -8.62 19.23
N SER A 13 -16.16 -8.40 17.94
CA SER A 13 -15.29 -8.84 16.85
C SER A 13 -13.92 -8.12 16.79
N PRO A 14 -13.90 -6.78 16.62
CA PRO A 14 -12.60 -6.11 16.83
C PRO A 14 -11.98 -6.34 18.21
N HIS A 15 -12.78 -6.38 19.28
CA HIS A 15 -12.27 -6.71 20.62
C HIS A 15 -11.43 -7.99 20.57
N ILE A 16 -12.01 -9.09 20.11
CA ILE A 16 -11.28 -10.36 19.97
C ILE A 16 -10.05 -10.19 19.08
N ALA A 17 -10.19 -9.48 17.95
CA ALA A 17 -9.06 -9.29 17.01
C ALA A 17 -7.88 -8.56 17.69
N LEU A 18 -8.20 -7.49 18.42
CA LEU A 18 -7.18 -6.74 19.18
C LEU A 18 -6.40 -7.64 20.14
N ARG A 19 -7.10 -8.54 20.84
CA ARG A 19 -6.47 -9.48 21.78
C ARG A 19 -5.68 -10.55 21.05
N GLU A 20 -6.20 -11.03 19.94
CA GLU A 20 -5.47 -11.96 19.09
C GLU A 20 -4.16 -11.32 18.60
N ALA A 21 -4.23 -10.03 18.26
CA ALA A 21 -3.08 -9.28 17.76
C ALA A 21 -2.08 -8.97 18.88
N GLY A 22 -2.54 -8.99 20.13
CA GLY A 22 -1.71 -8.65 21.27
C GLY A 22 -1.46 -7.15 21.46
N LEU A 23 -2.34 -6.31 20.92
CA LEU A 23 -2.18 -4.86 20.93
C LEU A 23 -2.67 -4.21 22.22
N ASN A 24 -2.10 -3.05 22.57
CA ASN A 24 -2.56 -2.25 23.70
C ASN A 24 -3.79 -1.47 23.28
N PHE A 25 -4.83 -1.46 24.12
CA PHE A 25 -6.01 -0.69 23.84
C PHE A 25 -6.82 -0.51 25.10
N GLU A 26 -7.74 0.45 25.04
CA GLU A 26 -8.62 0.78 26.13
C GLU A 26 -10.06 0.54 25.64
N LEU A 27 -10.83 -0.28 26.36
CA LEU A 27 -12.26 -0.45 26.10
C LEU A 27 -13.04 0.74 26.62
N VAL A 28 -13.90 1.30 25.78
CA VAL A 28 -14.77 2.39 26.18
C VAL A 28 -16.19 1.94 25.91
N GLN A 29 -16.94 1.71 26.99
CA GLN A 29 -18.31 1.22 26.89
C GLN A 29 -19.25 2.30 26.39
N VAL A 30 -20.20 1.91 25.57
CA VAL A 30 -21.18 2.84 25.02
C VAL A 30 -22.56 2.34 25.43
N ASP A 31 -23.37 3.25 25.98
CA ASP A 31 -24.78 2.95 26.24
C ASP A 31 -25.55 3.16 24.95
N LEU A 32 -25.95 2.07 24.30
CA LEU A 32 -26.62 2.15 23.00
C LEU A 32 -28.05 2.71 23.05
N ALA A 33 -28.65 2.77 24.25
CA ALA A 33 -29.97 3.40 24.40
C ALA A 33 -29.87 4.93 24.46
N SER A 34 -29.02 5.41 25.37
CA SER A 34 -28.80 6.86 25.60
C SER A 34 -27.71 7.49 24.71
N LYS A 35 -26.90 6.62 24.08
CA LYS A 35 -25.79 7.05 23.20
C LYS A 35 -24.73 7.85 23.94
N LYS A 36 -24.47 7.47 25.18
CA LYS A 36 -23.41 8.08 25.98
C LYS A 36 -22.31 7.05 26.18
N THR A 37 -21.06 7.48 26.06
CA THR A 37 -19.94 6.64 26.43
C THR A 37 -19.88 6.49 27.96
N ALA A 38 -18.88 5.76 28.44
CA ALA A 38 -18.67 5.56 29.87
C ALA A 38 -18.33 6.86 30.57
N SER A 39 -17.62 7.74 29.88
CA SER A 39 -17.23 9.04 30.42
C SER A 39 -18.35 10.08 30.36
N GLY A 40 -19.51 9.70 29.79
CA GLY A 40 -20.62 10.64 29.61
C GLY A 40 -20.57 11.48 28.35
N GLN A 41 -19.62 11.19 27.47
CA GLN A 41 -19.53 11.89 26.19
C GLN A 41 -20.66 11.46 25.26
N ASP A 42 -21.14 12.43 24.48
CA ASP A 42 -22.10 12.17 23.41
C ASP A 42 -21.41 11.31 22.32
N TYR A 43 -21.83 10.06 22.18
CA TYR A 43 -21.11 9.11 21.32
C TYR A 43 -21.25 9.44 19.84
N LEU A 44 -22.31 10.16 19.46
CA LEU A 44 -22.44 10.67 18.09
C LEU A 44 -21.37 11.68 17.70
N GLU A 45 -20.68 12.26 18.68
CA GLU A 45 -19.48 13.08 18.41
C GLU A 45 -18.35 12.23 17.87
N VAL A 46 -18.39 10.93 18.20
CA VAL A 46 -17.34 9.97 17.83
C VAL A 46 -17.74 9.24 16.53
N ASN A 47 -18.90 8.59 16.54
CA ASN A 47 -19.48 8.02 15.31
C ASN A 47 -20.80 8.69 14.99
N PRO A 48 -20.83 9.50 13.91
CA PRO A 48 -22.03 10.23 13.47
C PRO A 48 -23.25 9.33 13.26
N ALA A 49 -23.03 8.06 12.91
CA ALA A 49 -24.13 7.09 12.69
C ALA A 49 -24.65 6.48 14.00
N GLY A 50 -23.86 6.60 15.07
CA GLY A 50 -24.34 6.26 16.40
C GLY A 50 -24.13 4.82 16.82
N TYR A 51 -23.49 4.02 15.98
CA TYR A 51 -23.34 2.61 16.31
C TYR A 51 -21.90 2.19 16.67
N VAL A 52 -21.77 1.06 17.36
CA VAL A 52 -20.45 0.47 17.61
C VAL A 52 -20.25 -0.60 16.54
N PRO A 53 -18.99 -1.01 16.27
CA PRO A 53 -17.72 -0.51 16.84
C PRO A 53 -17.21 0.81 16.22
N CYS A 54 -16.33 1.48 16.95
CA CYS A 54 -15.49 2.55 16.40
C CYS A 54 -14.08 2.38 16.99
N LEU A 55 -13.07 2.41 16.14
CA LEU A 55 -11.69 2.37 16.62
C LEU A 55 -11.12 3.77 16.54
N GLN A 56 -10.62 4.24 17.68
CA GLN A 56 -9.98 5.55 17.77
C GLN A 56 -8.48 5.29 17.87
N LEU A 57 -7.71 5.82 16.93
CA LEU A 57 -6.26 5.62 16.92
C LEU A 57 -5.60 6.58 17.90
N ASP A 58 -4.41 6.19 18.35
CA ASP A 58 -3.57 7.00 19.23
C ASP A 58 -3.60 8.51 18.86
N ASP A 59 -3.45 8.79 17.56
CA ASP A 59 -3.37 10.18 17.07
C ASP A 59 -4.70 10.93 16.95
N GLY A 60 -5.81 10.27 17.32
CA GLY A 60 -7.14 10.89 17.25
C GLY A 60 -8.01 10.48 16.06
N ARG A 61 -7.41 9.92 15.02
CA ARG A 61 -8.19 9.44 13.87
C ARG A 61 -9.15 8.32 14.26
N THR A 62 -10.27 8.24 13.54
CA THR A 62 -11.24 7.17 13.80
C THR A 62 -11.50 6.31 12.58
N LEU A 63 -11.91 5.07 12.86
CA LEU A 63 -12.33 4.15 11.84
C LEU A 63 -13.63 3.52 12.31
N THR A 64 -14.64 3.52 11.46
CA THR A 64 -15.85 2.75 11.69
C THR A 64 -15.98 1.57 10.69
N GLU A 65 -17.02 0.77 10.89
CA GLU A 65 -17.34 -0.46 10.13
C GLU A 65 -16.44 -1.62 10.50
N GLY A 66 -17.04 -2.64 11.12
CA GLY A 66 -16.30 -3.82 11.52
C GLY A 66 -15.27 -4.34 10.54
N PRO A 67 -15.66 -4.63 9.27
CA PRO A 67 -14.71 -5.10 8.27
C PRO A 67 -13.47 -4.21 8.01
N ALA A 68 -13.62 -2.90 8.07
CA ALA A 68 -12.48 -1.96 7.98
C ALA A 68 -11.58 -2.01 9.23
N ILE A 69 -12.21 -1.93 10.41
CA ILE A 69 -11.50 -2.02 11.70
C ILE A 69 -10.66 -3.30 11.84
N VAL A 70 -11.26 -4.46 11.55
CA VAL A 70 -10.56 -5.71 11.79
C VAL A 70 -9.39 -5.92 10.82
N GLN A 71 -9.47 -5.29 9.63
CA GLN A 71 -8.36 -5.31 8.68
C GLN A 71 -7.20 -4.38 9.13
N TYR A 72 -7.54 -3.19 9.61
CA TYR A 72 -6.56 -2.32 10.20
C TYR A 72 -5.83 -3.05 11.32
N VAL A 73 -6.59 -3.65 12.23
CA VAL A 73 -6.03 -4.39 13.36
C VAL A 73 -5.06 -5.52 12.94
N ALA A 74 -5.52 -6.37 12.02
CA ALA A 74 -4.70 -7.44 11.48
C ALA A 74 -3.40 -6.95 10.82
N ASP A 75 -3.48 -5.84 10.10
CA ASP A 75 -2.32 -5.29 9.38
C ASP A 75 -1.25 -4.74 10.33
N GLN A 76 -1.61 -4.50 11.58
CA GLN A 76 -0.67 -4.05 12.61
C GLN A 76 0.28 -5.17 13.03
N VAL A 77 -0.17 -6.42 12.94
CA VAL A 77 0.65 -7.56 13.36
C VAL A 77 0.71 -8.67 12.29
N PRO A 78 1.38 -8.38 11.15
CA PRO A 78 1.40 -9.35 10.04
C PRO A 78 1.99 -10.70 10.42
N GLY A 79 2.87 -10.73 11.42
CA GLY A 79 3.44 -11.98 11.93
C GLY A 79 2.38 -12.95 12.43
N LYS A 80 1.26 -12.41 12.93
CA LYS A 80 0.19 -13.23 13.45
C LYS A 80 -0.75 -13.81 12.38
N GLN A 81 -0.65 -13.28 11.16
CA GLN A 81 -1.42 -13.78 10.00
C GLN A 81 -2.93 -13.79 10.24
N LEU A 82 -3.41 -12.75 10.89
CA LEU A 82 -4.85 -12.56 11.09
C LEU A 82 -5.60 -12.15 9.82
N ALA A 83 -4.86 -11.77 8.78
CA ALA A 83 -5.40 -11.52 7.44
C ALA A 83 -4.32 -11.88 6.44
N PRO A 84 -4.69 -12.38 5.25
CA PRO A 84 -3.68 -12.48 4.18
C PRO A 84 -3.14 -11.10 3.82
N ALA A 85 -1.93 -11.10 3.27
CA ALA A 85 -1.23 -9.88 2.86
C ALA A 85 -1.99 -9.09 1.81
N ASN A 86 -2.09 -7.79 2.03
CA ASN A 86 -2.68 -6.90 1.07
C ASN A 86 -2.14 -7.10 -0.33
N GLY A 87 -3.04 -7.08 -1.32
CA GLY A 87 -2.63 -7.31 -2.69
C GLY A 87 -2.62 -8.76 -3.13
N SER A 88 -2.58 -9.70 -2.18
CA SER A 88 -2.69 -11.11 -2.52
C SER A 88 -4.16 -11.43 -2.83
N PHE A 89 -4.41 -12.44 -3.65
CA PHE A 89 -5.77 -12.85 -3.97
C PHE A 89 -6.57 -13.20 -2.70
N GLU A 90 -5.95 -13.93 -1.79
CA GLU A 90 -6.63 -14.36 -0.56
C GLU A 90 -7.07 -13.20 0.35
N ARG A 91 -6.40 -12.05 0.24
CA ARG A 91 -6.87 -10.84 0.95
C ARG A 91 -8.22 -10.31 0.39
N TYR A 92 -8.39 -10.34 -0.93
CA TYR A 92 -9.71 -10.02 -1.55
C TYR A 92 -10.78 -11.03 -1.14
N HIS A 93 -10.37 -12.28 -1.07
CA HIS A 93 -11.20 -13.36 -0.56
C HIS A 93 -11.63 -13.13 0.91
N LEU A 94 -10.73 -12.62 1.75
CA LEU A 94 -11.12 -12.18 3.10
C LEU A 94 -12.19 -11.05 3.08
N GLN A 95 -12.00 -10.07 2.20
CA GLN A 95 -12.93 -8.94 2.08
C GLN A 95 -14.31 -9.36 1.58
N GLN A 96 -14.30 -10.37 0.70
CA GLN A 96 -15.52 -11.04 0.26
C GLN A 96 -16.23 -11.63 1.47
N TRP A 97 -15.53 -12.46 2.25
CA TRP A 97 -16.14 -13.06 3.43
C TRP A 97 -16.57 -12.03 4.46
N LEU A 98 -15.76 -11.00 4.70
CA LEU A 98 -16.13 -9.93 5.64
C LEU A 98 -17.40 -9.18 5.19
N ASN A 99 -17.51 -8.87 3.90
CA ASN A 99 -18.71 -8.19 3.41
C ASN A 99 -19.96 -9.09 3.45
N PHE A 100 -19.77 -10.38 3.14
CA PHE A 100 -20.79 -11.40 3.33
C PHE A 100 -21.33 -11.48 4.76
N ILE A 101 -20.43 -11.56 5.73
CA ILE A 101 -20.86 -11.65 7.12
C ILE A 101 -21.66 -10.41 7.50
N SER A 102 -21.17 -9.26 7.08
CA SER A 102 -21.79 -7.97 7.40
C SER A 102 -23.18 -7.77 6.76
N SER A 103 -23.26 -7.95 5.44
CA SER A 103 -24.46 -7.62 4.68
C SER A 103 -25.48 -8.76 4.62
N GLU A 104 -24.98 -10.00 4.67
CA GLU A 104 -25.79 -11.19 4.47
C GLU A 104 -26.16 -11.90 5.77
N LEU A 105 -25.39 -11.66 6.83
CA LEU A 105 -25.65 -12.33 8.11
C LEU A 105 -26.02 -11.33 9.19
N HIS A 106 -25.07 -10.47 9.55
CA HIS A 106 -25.22 -9.46 10.61
C HIS A 106 -26.48 -8.63 10.40
N LYS A 107 -26.65 -8.07 9.21
CA LYS A 107 -27.77 -7.17 8.93
C LYS A 107 -29.15 -7.85 8.96
N SER A 108 -29.16 -9.17 8.84
CA SER A 108 -30.37 -9.97 8.94
C SER A 108 -30.69 -10.35 10.39
N PHE A 109 -29.68 -10.41 11.25
CA PHE A 109 -29.92 -10.55 12.68
C PHE A 109 -30.57 -9.29 13.26
N SER A 110 -30.21 -8.12 12.73
CA SER A 110 -30.61 -6.81 13.27
C SER A 110 -32.10 -6.62 13.61
N PRO A 111 -33.02 -6.93 12.67
CA PRO A 111 -34.47 -6.83 12.94
C PRO A 111 -34.95 -7.77 14.04
N LEU A 112 -34.30 -8.93 14.20
CA LEU A 112 -34.64 -9.88 15.26
C LEU A 112 -34.41 -9.33 16.68
N PHE A 113 -33.44 -8.43 16.83
CA PHE A 113 -33.16 -7.81 18.12
C PHE A 113 -34.05 -6.58 18.36
N ASN A 114 -34.89 -6.28 17.37
CA ASN A 114 -35.80 -5.15 17.43
C ASN A 114 -37.20 -5.57 17.91
N PRO A 115 -37.69 -4.95 19.01
CA PRO A 115 -39.07 -5.19 19.45
C PRO A 115 -40.12 -4.64 18.48
N ALA A 116 -39.81 -3.52 17.82
CA ALA A 116 -40.75 -2.83 16.94
C ALA A 116 -40.79 -3.39 15.51
N SER A 117 -40.01 -4.44 15.26
CA SER A 117 -40.04 -5.15 13.98
C SER A 117 -41.28 -6.04 13.94
N SER A 118 -42.04 -5.92 12.85
CA SER A 118 -43.22 -6.74 12.63
C SER A 118 -42.82 -8.20 12.40
N ASP A 119 -43.70 -9.13 12.77
CA ASP A 119 -43.41 -10.56 12.63
C ASP A 119 -43.18 -10.98 11.18
N GLU A 120 -43.66 -10.15 10.26
CA GLU A 120 -43.44 -10.35 8.82
C GLU A 120 -41.96 -10.16 8.48
N TRP A 121 -41.39 -9.06 8.97
CA TRP A 121 -39.98 -8.73 8.80
C TRP A 121 -39.12 -9.86 9.36
N LYS A 122 -39.42 -10.27 10.60
CA LYS A 122 -38.70 -11.34 11.30
C LYS A 122 -38.75 -12.70 10.61
N ASN A 123 -39.91 -13.06 10.07
CA ASN A 123 -40.06 -14.34 9.38
C ASN A 123 -39.26 -14.39 8.09
N ALA A 124 -39.22 -13.26 7.37
CA ALA A 124 -38.47 -13.14 6.13
C ALA A 124 -36.98 -13.28 6.38
N VAL A 125 -36.51 -12.53 7.37
CA VAL A 125 -35.11 -12.49 7.77
C VAL A 125 -34.64 -13.86 8.30
N ARG A 126 -35.48 -14.56 9.05
CA ARG A 126 -35.16 -15.91 9.52
C ARG A 126 -34.98 -16.89 8.37
N GLN A 127 -35.73 -16.67 7.30
CA GLN A 127 -35.66 -17.49 6.10
C GLN A 127 -34.41 -17.22 5.29
N SER A 128 -34.08 -15.92 5.16
CA SER A 128 -32.82 -15.48 4.52
C SER A 128 -31.64 -16.10 5.24
N LEU A 129 -31.66 -16.04 6.56
CA LEU A 129 -30.60 -16.60 7.40
C LEU A 129 -30.46 -18.10 7.29
N ASN A 130 -31.59 -18.81 7.25
CA ASN A 130 -31.59 -20.25 7.06
C ASN A 130 -30.79 -20.63 5.82
N THR A 131 -30.98 -19.89 4.74
CA THR A 131 -30.30 -20.15 3.47
C THR A 131 -28.81 -19.79 3.56
N ARG A 132 -28.57 -18.59 4.07
CA ARG A 132 -27.24 -18.01 4.13
C ARG A 132 -26.35 -18.81 5.07
N LEU A 133 -26.85 -19.15 6.26
CA LEU A 133 -26.15 -20.08 7.19
C LEU A 133 -25.88 -21.48 6.61
N GLY A 134 -26.74 -21.94 5.71
CA GLY A 134 -26.48 -23.16 4.96
C GLY A 134 -25.23 -23.03 4.10
N GLN A 135 -25.10 -21.91 3.40
CA GLN A 135 -23.93 -21.68 2.57
C GLN A 135 -22.62 -21.70 3.40
N VAL A 136 -22.67 -21.11 4.60
CA VAL A 136 -21.48 -21.06 5.47
C VAL A 136 -21.16 -22.42 6.07
N ALA A 137 -22.20 -23.17 6.43
CA ALA A 137 -22.03 -24.52 6.96
C ALA A 137 -21.35 -25.42 5.94
N ARG A 138 -21.73 -25.29 4.67
CA ARG A 138 -21.08 -26.05 3.61
C ARG A 138 -19.61 -25.62 3.44
N GLN A 139 -19.35 -24.32 3.58
CA GLN A 139 -18.00 -23.77 3.48
C GLN A 139 -17.11 -24.35 4.59
N LEU A 140 -17.67 -24.49 5.78
CA LEU A 140 -16.93 -24.95 6.95
C LEU A 140 -16.97 -26.47 7.17
N GLU A 141 -17.56 -27.19 6.20
CA GLU A 141 -17.68 -28.65 6.26
C GLU A 141 -16.38 -29.42 6.12
N HIS A 142 -15.52 -29.00 5.20
CA HIS A 142 -14.29 -29.74 4.95
C HIS A 142 -13.02 -28.95 5.28
N ALA A 143 -13.18 -27.74 5.81
CA ALA A 143 -12.06 -26.91 6.24
C ALA A 143 -12.39 -26.22 7.57
N PRO A 144 -11.39 -26.06 8.47
CA PRO A 144 -11.71 -25.52 9.79
C PRO A 144 -12.11 -24.03 9.81
N TYR A 145 -11.58 -23.24 8.87
CA TYR A 145 -11.84 -21.81 8.81
C TYR A 145 -12.28 -21.37 7.42
N LEU A 146 -12.79 -20.15 7.32
CA LEU A 146 -13.38 -19.60 6.09
C LEU A 146 -12.40 -19.56 4.90
N LEU A 147 -11.13 -19.25 5.20
CA LEU A 147 -10.08 -19.18 4.18
C LEU A 147 -9.21 -20.45 4.10
N GLY A 148 -9.57 -21.46 4.89
CA GLY A 148 -8.85 -22.75 4.86
C GLY A 148 -8.36 -23.20 6.20
N ASP A 149 -7.05 -23.41 6.32
CA ASP A 149 -6.42 -23.87 7.56
C ASP A 149 -6.02 -22.75 8.51
N GLN A 150 -6.00 -21.52 8.00
CA GLN A 150 -5.59 -20.38 8.80
C GLN A 150 -6.78 -19.57 9.31
N LEU A 151 -6.83 -19.40 10.63
CA LEU A 151 -7.78 -18.46 11.23
C LEU A 151 -7.52 -17.02 10.77
N SER A 152 -8.58 -16.34 10.38
CA SER A 152 -8.50 -14.93 10.04
C SER A 152 -9.54 -14.08 10.81
N VAL A 153 -9.47 -12.76 10.64
CA VAL A 153 -10.49 -11.87 11.21
C VAL A 153 -11.94 -12.15 10.68
N ALA A 154 -12.07 -12.83 9.54
CA ALA A 154 -13.40 -13.24 9.03
C ALA A 154 -14.06 -14.28 9.92
N ASP A 155 -13.26 -15.21 10.43
CA ASP A 155 -13.70 -16.24 11.36
C ASP A 155 -14.12 -15.65 12.69
N ILE A 156 -13.40 -14.62 13.13
CA ILE A 156 -13.73 -13.92 14.36
C ILE A 156 -15.06 -13.19 14.21
N TYR A 157 -15.25 -12.50 13.10
CA TYR A 157 -16.49 -11.82 12.84
C TYR A 157 -17.64 -12.85 12.80
N LEU A 158 -17.46 -13.92 12.03
CA LEU A 158 -18.48 -14.99 11.94
C LEU A 158 -18.85 -15.56 13.31
N PHE A 159 -17.84 -15.88 14.10
CA PHE A 159 -18.04 -16.40 15.45
C PHE A 159 -18.93 -15.51 16.32
N VAL A 160 -18.76 -14.19 16.19
CA VAL A 160 -19.52 -13.25 17.01
C VAL A 160 -21.01 -13.20 16.60
N VAL A 161 -21.25 -13.07 15.30
CA VAL A 161 -22.60 -13.12 14.74
C VAL A 161 -23.27 -14.45 15.08
N LEU A 162 -22.58 -15.57 14.90
CA LEU A 162 -23.15 -16.88 15.31
C LEU A 162 -23.56 -16.94 16.78
N GLY A 163 -22.77 -16.30 17.64
CA GLY A 163 -23.06 -16.24 19.07
C GLY A 163 -24.39 -15.57 19.40
N TRP A 164 -24.91 -14.78 18.48
CA TRP A 164 -26.19 -14.11 18.71
C TRP A 164 -27.40 -15.03 18.64
N SER A 165 -27.21 -16.21 18.07
CA SER A 165 -28.31 -17.11 17.74
C SER A 165 -29.08 -17.61 18.96
N ALA A 166 -28.37 -17.87 20.06
CA ALA A 166 -28.99 -18.25 21.33
C ALA A 166 -29.95 -17.19 21.85
N TYR A 167 -29.62 -15.93 21.63
CA TYR A 167 -30.41 -14.81 22.16
C TYR A 167 -31.68 -14.49 21.37
N VAL A 168 -31.69 -14.90 20.10
CA VAL A 168 -32.84 -14.72 19.22
C VAL A 168 -33.43 -16.07 18.80
N ASN A 169 -33.13 -17.11 19.59
CA ASN A 169 -33.72 -18.45 19.45
C ASN A 169 -33.46 -19.16 18.11
N ILE A 170 -32.30 -18.89 17.51
CA ILE A 170 -31.89 -19.61 16.28
C ILE A 170 -31.14 -20.88 16.62
N ASP A 171 -31.71 -21.99 16.18
CA ASP A 171 -31.12 -23.30 16.38
C ASP A 171 -30.11 -23.55 15.28
N LEU A 172 -28.89 -23.88 15.68
CA LEU A 172 -27.81 -24.19 14.73
C LEU A 172 -27.64 -25.71 14.55
N SER A 173 -28.57 -26.47 15.13
CA SER A 173 -28.60 -27.95 15.06
C SER A 173 -28.56 -28.53 13.64
N PRO A 174 -29.25 -27.89 12.66
CA PRO A 174 -29.17 -28.34 11.26
C PRO A 174 -27.76 -28.16 10.66
N TRP A 175 -26.92 -27.36 11.32
CA TRP A 175 -25.58 -27.06 10.82
C TRP A 175 -24.48 -27.42 11.81
N PRO A 176 -24.24 -28.73 11.98
CA PRO A 176 -23.18 -29.23 12.85
C PRO A 176 -21.78 -28.66 12.56
N SER A 177 -21.47 -28.33 11.31
CA SER A 177 -20.17 -27.71 10.98
C SER A 177 -19.99 -26.29 11.58
N LEU A 178 -21.10 -25.60 11.81
CA LEU A 178 -21.10 -24.27 12.45
C LEU A 178 -20.88 -24.35 13.96
N GLN A 179 -21.51 -25.34 14.60
CA GLN A 179 -21.27 -25.64 16.01
C GLN A 179 -19.84 -26.11 16.25
N ALA A 180 -19.33 -26.92 15.33
CA ALA A 180 -17.93 -27.36 15.36
C ALA A 180 -17.00 -26.16 15.25
N PHE A 181 -17.35 -25.21 14.38
CA PHE A 181 -16.60 -23.98 14.20
C PHE A 181 -16.62 -23.12 15.47
N GLN A 182 -17.78 -23.02 16.11
CA GLN A 182 -17.91 -22.27 17.37
C GLN A 182 -16.97 -22.77 18.46
N GLY A 183 -16.86 -24.10 18.57
CA GLY A 183 -16.00 -24.71 19.57
C GLY A 183 -14.52 -24.57 19.25
N ARG A 184 -14.21 -24.55 17.96
CA ARG A 184 -12.86 -24.36 17.44
C ARG A 184 -12.34 -22.96 17.75
N VAL A 185 -13.17 -21.95 17.54
CA VAL A 185 -12.82 -20.55 17.74
C VAL A 185 -13.00 -20.11 19.20
N GLY A 186 -14.13 -20.49 19.79
CA GLY A 186 -14.51 -20.11 21.14
C GLY A 186 -13.53 -20.60 22.20
N GLY A 187 -12.74 -21.61 21.83
CA GLY A 187 -11.76 -22.23 22.71
C GLY A 187 -10.41 -21.55 22.75
N ARG A 188 -10.22 -20.52 21.92
CA ARG A 188 -9.01 -19.69 21.90
C ARG A 188 -8.94 -18.76 23.12
N GLU A 189 -7.74 -18.56 23.65
CA GLU A 189 -7.55 -17.74 24.88
C GLU A 189 -7.96 -16.27 24.73
N ALA A 190 -7.73 -15.68 23.56
CA ALA A 190 -8.17 -14.31 23.25
C ALA A 190 -9.69 -14.20 23.17
N VAL A 191 -10.34 -15.21 22.60
CA VAL A 191 -11.81 -15.21 22.54
C VAL A 191 -12.42 -15.27 23.95
N GLN A 192 -11.96 -16.20 24.77
CA GLN A 192 -12.45 -16.34 26.16
C GLN A 192 -12.07 -15.13 27.04
N SER A 193 -10.91 -14.54 26.79
CA SER A 193 -10.48 -13.31 27.48
C SER A 193 -11.38 -12.13 27.17
N ALA A 194 -11.82 -12.02 25.91
CA ALA A 194 -12.70 -10.94 25.50
C ALA A 194 -14.09 -11.10 26.11
N LEU A 195 -14.62 -12.33 26.09
CA LEU A 195 -15.91 -12.63 26.73
C LEU A 195 -15.88 -12.24 28.22
N ARG A 196 -14.81 -12.64 28.90
CA ARG A 196 -14.62 -12.30 30.30
C ARG A 196 -14.57 -10.78 30.48
N ALA A 197 -13.75 -10.12 29.65
CA ALA A 197 -13.58 -8.66 29.71
C ALA A 197 -14.86 -7.88 29.46
N GLU A 198 -15.80 -8.46 28.72
CA GLU A 198 -17.09 -7.80 28.48
C GLU A 198 -18.15 -8.13 29.54
N GLY A 199 -17.75 -8.92 30.53
CA GLY A 199 -18.62 -9.33 31.63
C GLY A 199 -19.67 -10.32 31.19
N LEU A 200 -19.28 -11.21 30.26
CA LEU A 200 -20.18 -12.20 29.70
C LEU A 200 -19.78 -13.57 30.22
N MET B 1 -11.10 -12.44 -18.34
CA MET B 1 -11.83 -11.96 -17.13
C MET B 1 -13.32 -11.75 -17.43
N LYS B 2 -14.17 -12.25 -16.54
CA LYS B 2 -15.63 -12.18 -16.70
C LYS B 2 -16.32 -11.53 -15.50
N LEU B 3 -17.24 -10.61 -15.78
CA LEU B 3 -18.14 -10.07 -14.77
C LEU B 3 -19.57 -10.58 -14.99
N TYR B 4 -20.06 -11.34 -14.02
CA TYR B 4 -21.45 -11.78 -14.04
C TYR B 4 -22.32 -10.66 -13.50
N TYR B 5 -23.30 -10.24 -14.29
CA TYR B 5 -24.02 -9.00 -14.04
C TYR B 5 -25.50 -9.10 -14.44
N SER B 6 -26.26 -8.11 -13.99
CA SER B 6 -27.63 -7.91 -14.44
C SER B 6 -27.90 -6.40 -14.60
N PRO B 7 -28.42 -5.98 -15.78
CA PRO B 7 -28.64 -4.56 -16.03
C PRO B 7 -29.35 -3.84 -14.89
N GLY B 8 -28.78 -2.71 -14.47
CA GLY B 8 -29.31 -1.87 -13.40
C GLY B 8 -28.99 -2.35 -12.00
N ALA B 9 -28.63 -3.62 -11.83
CA ALA B 9 -28.35 -4.15 -10.50
C ALA B 9 -27.03 -3.56 -9.97
N CYS B 10 -26.67 -3.89 -8.73
CA CYS B 10 -25.43 -3.40 -8.10
C CYS B 10 -24.15 -3.85 -8.83
N SER B 11 -24.27 -4.86 -9.70
CA SER B 11 -23.15 -5.30 -10.56
C SER B 11 -22.71 -4.18 -11.48
N LEU B 12 -23.52 -3.12 -11.59
CA LEU B 12 -23.13 -1.95 -12.37
C LEU B 12 -21.94 -1.23 -11.75
N SER B 13 -21.77 -1.36 -10.44
CA SER B 13 -20.60 -0.80 -9.76
C SER B 13 -19.28 -1.43 -10.25
N PRO B 14 -19.10 -2.76 -10.10
CA PRO B 14 -17.87 -3.34 -10.70
C PRO B 14 -17.75 -3.10 -12.22
N HIS B 15 -18.89 -3.04 -12.90
CA HIS B 15 -18.93 -2.78 -14.33
C HIS B 15 -18.32 -1.43 -14.64
N ILE B 16 -18.81 -0.38 -13.97
CA ILE B 16 -18.22 0.95 -14.11
C ILE B 16 -16.71 0.95 -13.74
N ALA B 17 -16.37 0.30 -12.62
CA ALA B 17 -14.97 0.22 -12.16
C ALA B 17 -14.05 -0.38 -13.22
N LEU B 18 -14.48 -1.49 -13.82
CA LEU B 18 -13.70 -2.12 -14.89
C LEU B 18 -13.40 -1.16 -16.05
N ARG B 19 -14.42 -0.43 -16.50
CA ARG B 19 -14.27 0.59 -17.53
C ARG B 19 -13.33 1.72 -17.13
N GLU B 20 -13.51 2.22 -15.90
CA GLU B 20 -12.66 3.30 -15.38
C GLU B 20 -11.20 2.87 -15.32
N ALA B 21 -10.98 1.58 -15.07
CA ALA B 21 -9.64 0.99 -15.02
C ALA B 21 -9.05 0.80 -16.43
N GLY B 22 -9.90 0.83 -17.45
CA GLY B 22 -9.48 0.63 -18.83
C GLY B 22 -9.12 -0.81 -19.14
N LEU B 23 -9.63 -1.72 -18.32
CA LEU B 23 -9.39 -3.15 -18.46
C LEU B 23 -10.37 -3.73 -19.47
N ASN B 24 -10.00 -4.85 -20.09
CA ASN B 24 -10.97 -5.55 -20.92
C ASN B 24 -11.43 -6.86 -20.30
N PHE B 25 -12.71 -7.15 -20.49
CA PHE B 25 -13.40 -8.18 -19.76
C PHE B 25 -14.65 -8.54 -20.56
N GLU B 26 -15.24 -9.69 -20.25
CA GLU B 26 -16.50 -10.11 -20.88
C GLU B 26 -17.67 -9.98 -19.90
N LEU B 27 -18.74 -9.34 -20.34
CA LEU B 27 -19.99 -9.36 -19.58
C LEU B 27 -20.72 -10.69 -19.77
N VAL B 28 -21.19 -11.27 -18.67
CA VAL B 28 -22.03 -12.44 -18.73
C VAL B 28 -23.28 -12.13 -17.94
N GLN B 29 -24.43 -12.15 -18.61
CA GLN B 29 -25.69 -11.83 -17.95
C GLN B 29 -26.19 -13.06 -17.22
N VAL B 30 -26.90 -12.82 -16.13
CA VAL B 30 -27.44 -13.89 -15.29
C VAL B 30 -28.95 -13.71 -15.14
N ASP B 31 -29.69 -14.80 -15.33
CA ASP B 31 -31.12 -14.86 -14.97
C ASP B 31 -31.20 -15.13 -13.49
N LEU B 32 -31.60 -14.08 -12.75
CA LEU B 32 -31.57 -14.10 -11.28
C LEU B 32 -32.61 -15.07 -10.66
N ALA B 33 -33.36 -15.77 -11.52
CA ALA B 33 -34.48 -16.65 -11.15
C ALA B 33 -34.14 -18.14 -11.25
N SER B 34 -33.75 -18.58 -12.43
CA SER B 34 -33.37 -19.99 -12.61
C SER B 34 -31.91 -20.21 -12.24
N LYS B 35 -31.21 -19.08 -11.99
CA LYS B 35 -29.78 -19.04 -11.66
C LYS B 35 -29.00 -19.74 -12.78
N LYS B 36 -29.13 -19.16 -13.97
CA LYS B 36 -28.50 -19.64 -15.17
C LYS B 36 -27.96 -18.46 -15.98
N THR B 37 -26.77 -18.64 -16.54
CA THR B 37 -26.11 -17.59 -17.33
C THR B 37 -26.79 -17.44 -18.69
N ALA B 38 -26.39 -16.41 -19.45
CA ALA B 38 -26.88 -16.22 -20.81
C ALA B 38 -26.59 -17.45 -21.69
N SER B 39 -25.40 -18.03 -21.52
CA SER B 39 -24.98 -19.24 -22.23
C SER B 39 -25.62 -20.55 -21.74
N GLY B 40 -26.65 -20.44 -20.90
CA GLY B 40 -27.36 -21.62 -20.35
C GLY B 40 -26.65 -22.47 -19.30
N GLN B 41 -25.57 -21.96 -18.71
CA GLN B 41 -24.86 -22.67 -17.62
C GLN B 41 -25.48 -22.36 -16.26
N ASP B 42 -25.22 -23.22 -15.27
CA ASP B 42 -25.77 -23.04 -13.92
C ASP B 42 -24.94 -22.07 -13.06
N TYR B 43 -25.50 -20.90 -12.76
CA TYR B 43 -24.81 -19.86 -11.98
C TYR B 43 -24.48 -20.22 -10.51
N LEU B 44 -25.26 -21.11 -9.90
CA LEU B 44 -25.02 -21.55 -8.52
C LEU B 44 -23.75 -22.38 -8.43
N GLU B 45 -23.25 -22.78 -9.60
CA GLU B 45 -21.95 -23.39 -9.73
C GLU B 45 -20.83 -22.35 -9.62
N VAL B 46 -21.14 -21.12 -10.02
CA VAL B 46 -20.22 -19.98 -9.98
C VAL B 46 -20.31 -19.27 -8.60
N ASN B 47 -21.47 -18.73 -8.28
CA ASN B 47 -21.76 -18.16 -6.96
C ASN B 47 -22.92 -18.92 -6.26
N PRO B 48 -22.60 -19.73 -5.23
CA PRO B 48 -23.59 -20.52 -4.47
C PRO B 48 -24.75 -19.72 -3.89
N ALA B 49 -24.50 -18.46 -3.50
CA ALA B 49 -25.54 -17.57 -2.97
C ALA B 49 -26.48 -17.06 -4.05
N GLY B 50 -26.09 -17.28 -5.32
CA GLY B 50 -26.93 -16.98 -6.48
C GLY B 50 -27.13 -15.53 -6.87
N TYR B 51 -26.37 -14.62 -6.27
CA TYR B 51 -26.49 -13.21 -6.64
C TYR B 51 -25.33 -12.65 -7.48
N VAL B 52 -25.55 -11.49 -8.07
CA VAL B 52 -24.50 -10.78 -8.78
C VAL B 52 -24.06 -9.58 -7.90
N PRO B 53 -22.82 -9.09 -8.06
CA PRO B 53 -21.83 -9.49 -9.05
C PRO B 53 -20.99 -10.72 -8.68
N CYS B 54 -20.31 -11.23 -9.68
CA CYS B 54 -19.23 -12.16 -9.52
C CYS B 54 -18.21 -11.81 -10.58
N LEU B 55 -16.96 -11.72 -10.15
CA LEU B 55 -15.86 -11.52 -11.05
C LEU B 55 -15.12 -12.83 -11.17
N GLN B 56 -14.93 -13.30 -12.39
CA GLN B 56 -14.11 -14.48 -12.64
C GLN B 56 -12.81 -14.05 -13.30
N LEU B 57 -11.69 -14.55 -12.78
CA LEU B 57 -10.38 -14.24 -13.36
C LEU B 57 -10.12 -15.17 -14.54
N ASP B 58 -9.12 -14.81 -15.36
CA ASP B 58 -8.64 -15.69 -16.44
C ASP B 58 -8.35 -17.09 -15.89
N ASP B 59 -7.70 -17.12 -14.72
CA ASP B 59 -7.48 -18.30 -13.87
C ASP B 59 -8.63 -19.28 -13.71
N GLY B 60 -9.85 -18.76 -13.70
CA GLY B 60 -10.99 -19.53 -13.23
C GLY B 60 -11.37 -19.18 -11.79
N ARG B 61 -10.45 -18.52 -11.06
CA ARG B 61 -10.75 -18.06 -9.70
C ARG B 61 -11.83 -17.00 -9.72
N THR B 62 -12.65 -16.99 -8.68
CA THR B 62 -13.74 -16.03 -8.62
C THR B 62 -13.76 -15.25 -7.32
N LEU B 63 -14.44 -14.12 -7.37
CA LEU B 63 -14.63 -13.22 -6.25
C LEU B 63 -16.08 -12.79 -6.28
N THR B 64 -16.72 -12.75 -5.13
CA THR B 64 -18.06 -12.18 -5.00
C THR B 64 -17.99 -11.04 -3.97
N GLU B 65 -19.15 -10.39 -3.73
CA GLU B 65 -19.27 -9.15 -2.92
C GLU B 65 -18.64 -7.95 -3.60
N GLY B 66 -19.47 -6.96 -3.94
CA GLY B 66 -19.01 -5.73 -4.58
C GLY B 66 -17.76 -5.07 -3.99
N PRO B 67 -17.78 -4.74 -2.68
CA PRO B 67 -16.61 -4.12 -2.03
C PRO B 67 -15.27 -4.83 -2.24
N ALA B 68 -15.29 -6.17 -2.27
CA ALA B 68 -14.09 -6.98 -2.57
C ALA B 68 -13.68 -6.89 -4.03
N ILE B 69 -14.68 -7.06 -4.90
CA ILE B 69 -14.49 -7.05 -6.34
C ILE B 69 -13.91 -5.73 -6.80
N VAL B 70 -14.51 -4.62 -6.36
CA VAL B 70 -14.07 -3.29 -6.81
C VAL B 70 -12.68 -2.93 -6.33
N GLN B 71 -12.30 -3.46 -5.16
CA GLN B 71 -10.93 -3.31 -4.68
C GLN B 71 -9.93 -4.12 -5.50
N TYR B 72 -10.28 -5.35 -5.85
CA TYR B 72 -9.43 -6.11 -6.78
C TYR B 72 -9.21 -5.35 -8.08
N VAL B 73 -10.29 -4.85 -8.67
CA VAL B 73 -10.23 -4.05 -9.92
C VAL B 73 -9.30 -2.82 -9.84
N ALA B 74 -9.53 -1.97 -8.84
CA ALA B 74 -8.69 -0.79 -8.60
C ALA B 74 -7.23 -1.13 -8.48
N ASP B 75 -6.92 -2.24 -7.78
CA ASP B 75 -5.53 -2.61 -7.50
C ASP B 75 -4.80 -3.19 -8.72
N GLN B 76 -5.56 -3.46 -9.79
CA GLN B 76 -5.00 -3.92 -11.06
C GLN B 76 -4.43 -2.75 -11.85
N VAL B 77 -5.03 -1.58 -11.67
CA VAL B 77 -4.58 -0.39 -12.37
C VAL B 77 -4.35 0.78 -11.40
N PRO B 78 -3.26 0.70 -10.59
CA PRO B 78 -2.97 1.72 -9.59
C PRO B 78 -2.83 3.10 -10.21
N GLY B 79 -2.26 3.17 -11.42
CA GLY B 79 -2.17 4.42 -12.18
C GLY B 79 -3.46 5.21 -12.26
N LYS B 80 -4.60 4.53 -12.21
CA LYS B 80 -5.90 5.19 -12.29
C LYS B 80 -6.34 5.84 -10.98
N GLN B 81 -5.67 5.45 -9.88
CA GLN B 81 -5.95 5.99 -8.54
C GLN B 81 -7.43 5.83 -8.11
N LEU B 82 -7.95 4.64 -8.31
CA LEU B 82 -9.35 4.34 -8.02
C LEU B 82 -9.55 3.80 -6.60
N ALA B 83 -8.45 3.55 -5.89
CA ALA B 83 -8.42 3.21 -4.46
C ALA B 83 -7.06 3.67 -3.92
N PRO B 84 -7.02 4.14 -2.66
CA PRO B 84 -5.74 4.40 -1.99
C PRO B 84 -4.85 3.17 -1.92
N ALA B 85 -3.53 3.38 -1.93
CA ALA B 85 -2.59 2.27 -1.80
C ALA B 85 -2.92 1.50 -0.54
N ASN B 86 -2.86 0.18 -0.62
CA ASN B 86 -3.07 -0.67 0.55
C ASN B 86 -2.08 -0.35 1.64
N GLY B 87 -2.45 -0.49 2.89
CA GLY B 87 -1.51 -0.12 3.94
C GLY B 87 -1.45 1.38 4.26
N SER B 88 -2.02 2.21 3.39
CA SER B 88 -2.26 3.61 3.76
C SER B 88 -3.54 3.69 4.60
N PHE B 89 -3.60 4.65 5.51
CA PHE B 89 -4.78 4.79 6.37
C PHE B 89 -6.04 5.02 5.55
N GLU B 90 -5.93 5.78 4.48
CA GLU B 90 -7.08 6.10 3.60
C GLU B 90 -7.72 4.88 2.89
N ARG B 91 -6.93 3.83 2.71
CA ARG B 91 -7.46 2.56 2.24
C ARG B 91 -8.45 1.95 3.26
N TYR B 92 -8.17 2.02 4.56
CA TYR B 92 -9.16 1.60 5.57
C TYR B 92 -10.42 2.46 5.51
N HIS B 93 -10.21 3.76 5.25
CA HIS B 93 -11.29 4.73 5.14
C HIS B 93 -12.14 4.38 3.90
N LEU B 94 -11.49 3.97 2.79
CA LEU B 94 -12.20 3.41 1.61
C LEU B 94 -13.05 2.21 1.97
N GLN B 95 -12.44 1.25 2.66
CA GLN B 95 -13.16 0.07 3.12
C GLN B 95 -14.33 0.41 4.04
N GLN B 96 -14.13 1.37 4.94
CA GLN B 96 -15.22 1.85 5.80
C GLN B 96 -16.40 2.32 4.95
N TRP B 97 -16.16 3.19 3.97
CA TRP B 97 -17.24 3.68 3.09
C TRP B 97 -17.88 2.57 2.28
N LEU B 98 -17.08 1.63 1.78
CA LEU B 98 -17.60 0.48 1.02
C LEU B 98 -18.59 -0.34 1.84
N ASN B 99 -18.22 -0.59 3.10
CA ASN B 99 -19.08 -1.33 4.01
C ASN B 99 -20.30 -0.54 4.40
N PHE B 100 -20.15 0.78 4.54
CA PHE B 100 -21.29 1.63 4.86
C PHE B 100 -22.32 1.60 3.71
N ILE B 101 -21.84 1.79 2.49
CA ILE B 101 -22.72 1.75 1.32
C ILE B 101 -23.44 0.41 1.27
N SER B 102 -22.68 -0.67 1.44
CA SER B 102 -23.25 -2.01 1.32
C SER B 102 -24.27 -2.31 2.41
N SER B 103 -23.90 -2.08 3.67
CA SER B 103 -24.74 -2.50 4.81
C SER B 103 -25.80 -1.48 5.23
N GLU B 104 -25.55 -0.19 5.00
CA GLU B 104 -26.41 0.87 5.51
C GLU B 104 -27.26 1.52 4.43
N LEU B 105 -26.83 1.39 3.18
CA LEU B 105 -27.57 1.97 2.05
C LEU B 105 -28.19 0.87 1.18
N HIS B 106 -27.35 0.19 0.40
CA HIS B 106 -27.74 -0.95 -0.45
C HIS B 106 -28.76 -1.89 0.23
N LYS B 107 -28.43 -2.43 1.40
CA LYS B 107 -29.33 -3.38 2.07
C LYS B 107 -30.67 -2.75 2.52
N SER B 108 -30.71 -1.43 2.65
CA SER B 108 -31.95 -0.73 2.98
C SER B 108 -32.84 -0.55 1.75
N PHE B 109 -32.24 -0.37 0.57
CA PHE B 109 -32.98 -0.29 -0.68
C PHE B 109 -33.67 -1.60 -1.01
N SER B 110 -33.07 -2.70 -0.59
CA SER B 110 -33.54 -4.04 -0.95
C SER B 110 -35.05 -4.33 -0.73
N PRO B 111 -35.58 -4.08 0.49
CA PRO B 111 -37.00 -4.40 0.71
C PRO B 111 -37.97 -3.35 0.14
N LEU B 112 -37.43 -2.25 -0.39
CA LEU B 112 -38.26 -1.25 -1.07
C LEU B 112 -38.59 -1.74 -2.48
N PHE B 113 -37.68 -2.54 -3.05
CA PHE B 113 -37.90 -3.18 -4.35
C PHE B 113 -38.87 -4.37 -4.27
N ASN B 114 -39.07 -4.88 -3.05
CA ASN B 114 -39.82 -6.12 -2.77
C ASN B 114 -41.32 -5.87 -2.66
N PRO B 115 -42.12 -6.44 -3.59
CA PRO B 115 -43.59 -6.27 -3.59
C PRO B 115 -44.29 -6.92 -2.39
N ALA B 116 -43.69 -7.99 -1.86
CA ALA B 116 -44.27 -8.75 -0.76
C ALA B 116 -44.22 -8.00 0.57
N SER B 117 -43.15 -7.22 0.77
CA SER B 117 -42.92 -6.51 2.03
C SER B 117 -44.04 -5.54 2.42
N SER B 118 -44.41 -5.57 3.70
CA SER B 118 -45.47 -4.73 4.25
C SER B 118 -45.13 -3.24 4.23
N ASP B 119 -46.15 -2.40 4.44
CA ASP B 119 -45.97 -0.95 4.50
C ASP B 119 -45.39 -0.47 5.82
N GLU B 120 -45.57 -1.25 6.87
CA GLU B 120 -44.98 -0.94 8.18
C GLU B 120 -43.47 -1.20 8.14
N TRP B 121 -43.07 -2.21 7.37
CA TRP B 121 -41.67 -2.55 7.16
C TRP B 121 -41.00 -1.44 6.33
N LYS B 122 -41.53 -1.20 5.13
CA LYS B 122 -40.96 -0.22 4.19
C LYS B 122 -40.73 1.17 4.80
N ASN B 123 -41.71 1.64 5.58
CA ASN B 123 -41.66 2.97 6.17
C ASN B 123 -40.59 3.14 7.24
N ALA B 124 -40.31 2.05 7.95
CA ALA B 124 -39.25 2.01 8.96
C ALA B 124 -37.90 2.14 8.27
N VAL B 125 -37.74 1.39 7.18
CA VAL B 125 -36.52 1.39 6.38
C VAL B 125 -36.32 2.76 5.70
N ARG B 126 -37.40 3.37 5.21
CA ARG B 126 -37.32 4.69 4.57
C ARG B 126 -36.83 5.79 5.54
N GLN B 127 -37.23 5.69 6.80
CA GLN B 127 -36.78 6.61 7.84
C GLN B 127 -35.28 6.43 8.13
N SER B 128 -34.85 5.18 8.29
CA SER B 128 -33.42 4.86 8.47
C SER B 128 -32.58 5.36 7.29
N LEU B 129 -33.07 5.15 6.07
CA LEU B 129 -32.38 5.59 4.86
C LEU B 129 -32.20 7.10 4.81
N ASN B 130 -33.28 7.83 5.09
CA ASN B 130 -33.24 9.29 5.14
C ASN B 130 -32.11 9.79 6.06
N THR B 131 -31.98 9.13 7.22
CA THR B 131 -30.95 9.44 8.21
C THR B 131 -29.56 9.13 7.65
N ARG B 132 -29.38 7.94 7.08
CA ARG B 132 -28.08 7.54 6.51
C ARG B 132 -27.67 8.37 5.28
N LEU B 133 -28.67 8.74 4.46
CA LEU B 133 -28.47 9.62 3.31
C LEU B 133 -28.03 11.01 3.74
N GLY B 134 -28.65 11.53 4.79
CA GLY B 134 -28.23 12.77 5.45
C GLY B 134 -26.76 12.74 5.83
N GLN B 135 -26.31 11.66 6.46
CA GLN B 135 -24.89 11.46 6.79
C GLN B 135 -23.97 11.49 5.57
N VAL B 136 -24.33 10.76 4.51
CA VAL B 136 -23.53 10.73 3.28
C VAL B 136 -23.50 12.11 2.63
N ALA B 137 -24.67 12.75 2.59
CA ALA B 137 -24.83 14.13 2.11
C ALA B 137 -23.87 15.11 2.79
N ARG B 138 -23.76 15.04 4.12
CA ARG B 138 -22.85 15.94 4.85
C ARG B 138 -21.38 15.68 4.47
N GLN B 139 -21.01 14.41 4.35
CA GLN B 139 -19.68 14.04 3.90
C GLN B 139 -19.36 14.69 2.57
N LEU B 140 -20.32 14.66 1.64
CA LEU B 140 -20.11 15.22 0.29
C LEU B 140 -20.30 16.76 0.21
N GLU B 141 -20.42 17.43 1.36
CA GLU B 141 -20.25 18.90 1.43
C GLU B 141 -18.76 19.27 1.57
N HIS B 142 -17.96 18.39 2.17
CA HIS B 142 -16.53 18.60 2.44
C HIS B 142 -15.63 18.52 1.21
N ALA B 143 -16.05 17.70 0.24
CA ALA B 143 -15.27 17.45 -0.96
C ALA B 143 -16.21 16.84 -1.99
N PRO B 144 -15.86 16.94 -3.29
CA PRO B 144 -16.71 16.41 -4.35
C PRO B 144 -16.85 14.88 -4.30
N TYR B 145 -15.90 14.20 -3.66
CA TYR B 145 -15.93 12.73 -3.55
C TYR B 145 -15.77 12.29 -2.09
N LEU B 146 -16.14 11.04 -1.82
CA LEU B 146 -16.17 10.48 -0.47
C LEU B 146 -14.84 10.61 0.28
N LEU B 147 -13.73 10.41 -0.43
CA LEU B 147 -12.41 10.50 0.18
C LEU B 147 -11.63 11.79 -0.16
N GLY B 148 -12.27 12.77 -0.80
CA GLY B 148 -11.60 14.01 -1.16
C GLY B 148 -11.81 14.42 -2.59
N ASP B 149 -10.73 14.79 -3.28
CA ASP B 149 -10.79 15.34 -4.63
C ASP B 149 -10.67 14.30 -5.76
N GLN B 150 -10.29 13.06 -5.45
CA GLN B 150 -10.18 11.98 -6.47
C GLN B 150 -11.30 10.93 -6.34
N LEU B 151 -11.91 10.59 -7.48
CA LEU B 151 -12.93 9.53 -7.54
C LEU B 151 -12.34 8.17 -7.16
N SER B 152 -13.04 7.46 -6.28
CA SER B 152 -12.64 6.12 -5.89
C SER B 152 -13.77 5.14 -6.17
N VAL B 153 -13.48 3.85 -6.05
CA VAL B 153 -14.51 2.84 -6.26
C VAL B 153 -15.69 2.99 -5.29
N ALA B 154 -15.47 3.72 -4.18
CA ALA B 154 -16.55 3.92 -3.22
C ALA B 154 -17.58 4.90 -3.78
N ASP B 155 -17.12 5.91 -4.51
CA ASP B 155 -18.00 6.86 -5.19
C ASP B 155 -18.80 6.15 -6.27
N ILE B 156 -18.13 5.26 -7.00
CA ILE B 156 -18.79 4.46 -8.04
C ILE B 156 -19.93 3.63 -7.44
N TYR B 157 -19.65 2.89 -6.36
CA TYR B 157 -20.69 2.12 -5.66
C TYR B 157 -21.85 3.00 -5.18
N LEU B 158 -21.51 4.13 -4.53
CA LEU B 158 -22.51 5.07 -4.05
C LEU B 158 -23.39 5.62 -5.19
N PHE B 159 -22.76 5.97 -6.32
CA PHE B 159 -23.49 6.39 -7.54
C PHE B 159 -24.51 5.34 -7.98
N VAL B 160 -24.13 4.07 -7.94
CA VAL B 160 -25.05 3.00 -8.35
C VAL B 160 -26.27 2.91 -7.44
N VAL B 161 -26.02 2.85 -6.12
CA VAL B 161 -27.07 2.77 -5.11
C VAL B 161 -28.00 3.98 -5.16
N LEU B 162 -27.42 5.18 -5.27
CA LEU B 162 -28.20 6.42 -5.33
C LEU B 162 -29.09 6.44 -6.58
N GLY B 163 -28.64 5.77 -7.64
CA GLY B 163 -29.34 5.72 -8.91
C GLY B 163 -30.61 4.89 -8.85
N TRP B 164 -30.75 4.12 -7.77
CA TRP B 164 -31.93 3.33 -7.54
C TRP B 164 -33.08 4.16 -6.97
N SER B 165 -32.76 5.38 -6.50
CA SER B 165 -33.75 6.23 -5.84
C SER B 165 -34.97 6.49 -6.71
N ALA B 166 -34.74 6.63 -8.02
CA ALA B 166 -35.78 6.85 -9.02
C ALA B 166 -36.82 5.73 -9.10
N TYR B 167 -36.41 4.52 -8.74
CA TYR B 167 -37.25 3.32 -8.84
C TYR B 167 -38.00 3.01 -7.55
N VAL B 168 -37.63 3.68 -6.46
CA VAL B 168 -38.30 3.47 -5.18
C VAL B 168 -38.92 4.76 -4.65
N ASN B 169 -39.03 5.74 -5.54
CA ASN B 169 -39.71 7.01 -5.26
C ASN B 169 -39.02 7.85 -4.18
N ILE B 170 -37.68 7.83 -4.19
CA ILE B 170 -36.88 8.73 -3.35
C ILE B 170 -36.39 9.92 -4.17
N ASP B 171 -36.84 11.10 -3.77
CA ASP B 171 -36.35 12.34 -4.33
C ASP B 171 -35.08 12.73 -3.57
N LEU B 172 -34.00 12.98 -4.30
CA LEU B 172 -32.70 13.38 -3.74
C LEU B 172 -32.51 14.90 -3.58
N SER B 173 -33.53 15.67 -3.97
CA SER B 173 -33.56 17.15 -3.87
C SER B 173 -33.25 17.75 -2.48
N PRO B 174 -33.73 17.11 -1.39
CA PRO B 174 -33.43 17.57 -0.05
C PRO B 174 -31.95 17.59 0.29
N TRP B 175 -31.12 16.93 -0.52
CA TRP B 175 -29.66 16.95 -0.30
C TRP B 175 -28.91 17.43 -1.55
N PRO B 176 -28.72 18.75 -1.66
CA PRO B 176 -28.01 19.35 -2.79
C PRO B 176 -26.68 18.69 -3.13
N SER B 177 -25.93 18.27 -2.11
CA SER B 177 -24.62 17.61 -2.31
C SER B 177 -24.73 16.23 -2.94
N LEU B 178 -25.83 15.51 -2.69
CA LEU B 178 -26.07 14.23 -3.36
C LEU B 178 -26.46 14.36 -4.85
N GLN B 179 -27.19 15.43 -5.19
CA GLN B 179 -27.51 15.73 -6.59
C GLN B 179 -26.30 16.23 -7.34
N ALA B 180 -25.50 17.07 -6.68
CA ALA B 180 -24.24 17.52 -7.27
C ALA B 180 -23.29 16.35 -7.56
N PHE B 181 -23.22 15.41 -6.61
CA PHE B 181 -22.44 14.18 -6.73
C PHE B 181 -22.92 13.31 -7.93
N GLN B 182 -24.21 12.98 -7.94
CA GLN B 182 -24.83 12.23 -9.04
C GLN B 182 -24.43 12.80 -10.40
N GLY B 183 -24.60 14.12 -10.58
CA GLY B 183 -24.27 14.81 -11.81
C GLY B 183 -22.80 14.69 -12.19
N ARG B 184 -21.94 14.90 -11.20
CA ARG B 184 -20.49 14.83 -11.35
C ARG B 184 -19.96 13.45 -11.78
N VAL B 185 -20.55 12.39 -11.23
CA VAL B 185 -20.14 11.01 -11.55
C VAL B 185 -20.92 10.52 -12.80
N GLY B 186 -22.14 11.01 -12.96
CA GLY B 186 -23.02 10.62 -14.06
C GLY B 186 -22.50 10.90 -15.45
N GLY B 187 -21.71 11.96 -15.58
CA GLY B 187 -21.27 12.42 -16.90
C GLY B 187 -19.89 11.98 -17.33
N ARG B 188 -19.25 11.11 -16.54
CA ARG B 188 -17.95 10.55 -16.91
C ARG B 188 -18.15 9.57 -18.07
N GLU B 189 -17.18 9.48 -18.98
CA GLU B 189 -17.35 8.61 -20.16
C GLU B 189 -17.49 7.13 -19.82
N ALA B 190 -16.59 6.61 -18.98
CA ALA B 190 -16.66 5.21 -18.52
C ALA B 190 -18.03 4.86 -17.95
N VAL B 191 -18.61 5.78 -17.21
CA VAL B 191 -19.92 5.58 -16.57
C VAL B 191 -21.04 5.49 -17.61
N GLN B 192 -21.03 6.45 -18.54
CA GLN B 192 -21.90 6.47 -19.72
C GLN B 192 -21.77 5.20 -20.55
N SER B 193 -20.52 4.82 -20.87
CA SER B 193 -20.24 3.57 -21.61
C SER B 193 -20.82 2.34 -20.93
N ALA B 194 -20.84 2.36 -19.60
CA ALA B 194 -21.39 1.27 -18.80
C ALA B 194 -22.91 1.27 -18.84
N LEU B 195 -23.52 2.45 -18.73
CA LEU B 195 -24.99 2.58 -18.84
C LEU B 195 -25.47 2.15 -20.22
N ARG B 196 -24.77 2.63 -21.26
CA ARG B 196 -25.03 2.24 -22.66
C ARG B 196 -24.95 0.72 -22.85
N ALA B 197 -23.83 0.11 -22.43
CA ALA B 197 -23.65 -1.33 -22.53
C ALA B 197 -24.70 -2.14 -21.76
N GLU B 198 -25.39 -1.49 -20.82
CA GLU B 198 -26.45 -2.13 -20.03
C GLU B 198 -27.86 -1.73 -20.51
N GLY B 199 -27.94 -0.88 -21.54
CA GLY B 199 -29.21 -0.42 -22.10
C GLY B 199 -30.00 0.50 -21.18
N LEU B 200 -29.32 1.50 -20.62
CA LEU B 200 -29.90 2.39 -19.63
C LEU B 200 -29.59 3.84 -20.00
N MET C 1 5.74 19.05 10.77
CA MET C 1 6.76 18.51 9.84
C MET C 1 7.97 19.42 9.88
N LYS C 2 9.15 18.83 10.12
CA LYS C 2 10.41 19.57 10.07
C LYS C 2 11.35 18.96 9.03
N LEU C 3 11.98 19.83 8.25
CA LEU C 3 13.05 19.40 7.35
C LEU C 3 14.39 19.93 7.85
N TYR C 4 15.29 19.01 8.15
CA TYR C 4 16.65 19.34 8.52
C TYR C 4 17.43 19.52 7.22
N TYR C 5 18.08 20.68 7.12
CA TYR C 5 18.71 21.09 5.88
C TYR C 5 20.02 21.83 6.08
N SER C 6 20.83 21.88 5.04
CA SER C 6 21.94 22.84 4.96
C SER C 6 21.85 23.56 3.63
N PRO C 7 22.00 24.91 3.64
CA PRO C 7 21.84 25.70 2.41
C PRO C 7 22.57 25.11 1.20
N GLY C 8 21.81 24.86 0.13
CA GLY C 8 22.37 24.39 -1.14
C GLY C 8 22.78 22.93 -1.22
N ALA C 9 22.72 22.22 -0.09
CA ALA C 9 23.01 20.79 -0.01
C ALA C 9 21.89 19.98 -0.64
N CYS C 10 22.04 18.65 -0.64
CA CYS C 10 21.02 17.79 -1.26
C CYS C 10 19.61 17.92 -0.66
N SER C 11 19.54 18.41 0.57
CA SER C 11 18.26 18.68 1.27
C SER C 11 17.39 19.70 0.55
N LEU C 12 17.99 20.45 -0.37
CA LEU C 12 17.26 21.37 -1.24
C LEU C 12 16.27 20.62 -2.13
N SER C 13 16.52 19.33 -2.36
CA SER C 13 15.59 18.47 -3.10
C SER C 13 14.24 18.22 -2.37
N PRO C 14 14.25 17.61 -1.15
CA PRO C 14 13.00 17.61 -0.39
C PRO C 14 12.40 19.00 -0.13
N HIS C 15 13.24 19.99 0.16
CA HIS C 15 12.76 21.39 0.30
C HIS C 15 11.86 21.79 -0.89
N ILE C 16 12.40 21.72 -2.11
CA ILE C 16 11.62 22.03 -3.30
C ILE C 16 10.37 21.15 -3.42
N ALA C 17 10.51 19.84 -3.18
CA ALA C 17 9.35 18.94 -3.27
C ALA C 17 8.24 19.35 -2.28
N LEU C 18 8.62 19.73 -1.07
CA LEU C 18 7.65 20.21 -0.07
C LEU C 18 6.90 21.46 -0.56
N ARG C 19 7.62 22.37 -1.23
CA ARG C 19 7.00 23.59 -1.77
C ARG C 19 6.11 23.29 -2.97
N GLU C 20 6.59 22.42 -3.86
CA GLU C 20 5.76 21.91 -4.96
C GLU C 20 4.47 21.23 -4.48
N ALA C 21 4.56 20.50 -3.37
CA ALA C 21 3.41 19.79 -2.79
C ALA C 21 2.44 20.75 -2.08
N GLY C 22 2.94 21.93 -1.71
CA GLY C 22 2.13 22.89 -0.94
C GLY C 22 1.95 22.57 0.54
N LEU C 23 2.83 21.74 1.10
CA LEU C 23 2.69 21.30 2.50
C LEU C 23 3.28 22.30 3.49
N ASN C 24 2.74 22.30 4.71
CA ASN C 24 3.28 23.09 5.82
C ASN C 24 4.49 22.37 6.37
N PHE C 25 5.57 23.09 6.58
CA PHE C 25 6.75 22.51 7.20
C PHE C 25 7.60 23.60 7.81
N GLU C 26 8.47 23.19 8.73
CA GLU C 26 9.41 24.08 9.35
C GLU C 26 10.83 23.70 8.91
N LEU C 27 11.59 24.66 8.39
CA LEU C 27 13.01 24.46 8.05
C LEU C 27 13.86 24.53 9.30
N VAL C 28 14.74 23.55 9.47
CA VAL C 28 15.66 23.53 10.60
C VAL C 28 17.05 23.40 10.02
N GLN C 29 17.84 24.48 10.14
CA GLN C 29 19.20 24.50 9.62
C GLN C 29 20.11 23.63 10.46
N VAL C 30 21.01 22.91 9.80
CA VAL C 30 22.00 22.09 10.47
C VAL C 30 23.37 22.64 10.10
N ASP C 31 24.25 22.79 11.09
CA ASP C 31 25.65 23.13 10.82
C ASP C 31 26.40 21.83 10.58
N LEU C 32 26.78 21.57 9.33
CA LEU C 32 27.40 20.30 8.99
C LEU C 32 28.84 20.14 9.54
N ALA C 33 29.44 21.24 9.97
CA ALA C 33 30.78 21.18 10.58
C ALA C 33 30.69 20.68 12.02
N SER C 34 29.89 21.39 12.83
CA SER C 34 29.70 21.11 14.25
C SER C 34 28.61 20.06 14.56
N LYS C 35 27.83 19.70 13.52
CA LYS C 35 26.70 18.77 13.64
C LYS C 35 25.71 19.20 14.74
N LYS C 36 25.45 20.50 14.80
CA LYS C 36 24.44 21.04 15.69
C LYS C 36 23.38 21.74 14.86
N THR C 37 22.13 21.53 15.24
CA THR C 37 21.01 22.17 14.58
C THR C 37 20.92 23.65 14.96
N ALA C 38 19.91 24.33 14.43
CA ALA C 38 19.66 25.75 14.68
C ALA C 38 19.38 26.04 16.16
N SER C 39 18.71 25.11 16.83
CA SER C 39 18.39 25.23 18.25
C SER C 39 19.55 24.78 19.16
N GLY C 40 20.65 24.31 18.56
CA GLY C 40 21.79 23.84 19.33
C GLY C 40 21.78 22.36 19.69
N GLN C 41 20.74 21.64 19.24
CA GLN C 41 20.66 20.20 19.46
C GLN C 41 21.75 19.42 18.71
N ASP C 42 22.19 18.34 19.33
CA ASP C 42 23.12 17.40 18.67
C ASP C 42 22.33 16.68 17.54
N TYR C 43 22.71 16.96 16.30
CA TYR C 43 21.95 16.45 15.15
C TYR C 43 22.06 14.93 14.95
N LEU C 44 23.12 14.32 15.47
CA LEU C 44 23.23 12.84 15.44
C LEU C 44 22.16 12.15 16.27
N GLU C 45 21.53 12.89 17.18
CA GLU C 45 20.35 12.42 17.90
C GLU C 45 19.17 12.28 16.97
N VAL C 46 19.19 12.99 15.85
CA VAL C 46 18.09 12.96 14.87
C VAL C 46 18.43 11.97 13.73
N ASN C 47 19.55 12.20 13.04
CA ASN C 47 20.11 11.23 12.09
C ASN C 47 21.45 10.67 12.58
N PRO C 48 21.46 9.39 12.98
CA PRO C 48 22.67 8.73 13.51
C PRO C 48 23.86 8.81 12.54
N ALA C 49 23.58 8.89 11.23
CA ALA C 49 24.63 8.98 10.20
C ALA C 49 25.18 10.40 10.05
N GLY C 50 24.42 11.38 10.51
CA GLY C 50 24.94 12.73 10.64
C GLY C 50 24.73 13.64 9.46
N TYR C 51 24.08 13.14 8.41
CA TYR C 51 23.89 13.95 7.20
C TYR C 51 22.45 14.46 7.01
N VAL C 52 22.31 15.51 6.19
CA VAL C 52 20.99 15.99 5.76
C VAL C 52 20.73 15.35 4.40
N PRO C 53 19.46 15.24 3.96
CA PRO C 53 18.23 15.65 4.68
C PRO C 53 17.75 14.63 5.73
N CYS C 54 16.96 15.11 6.67
CA CYS C 54 16.09 14.26 7.45
C CYS C 54 14.72 14.95 7.52
N LEU C 55 13.65 14.19 7.28
CA LEU C 55 12.29 14.70 7.44
C LEU C 55 11.69 14.13 8.72
N GLN C 56 11.18 15.01 9.56
CA GLN C 56 10.57 14.58 10.82
C GLN C 56 9.09 14.87 10.75
N LEU C 57 8.28 13.84 11.01
CA LEU C 57 6.83 13.94 10.89
C LEU C 57 6.27 14.57 12.14
N ASP C 58 5.09 15.18 12.01
CA ASP C 58 4.32 15.73 13.12
C ASP C 58 4.40 14.80 14.35
N ASP C 59 4.12 13.52 14.14
CA ASP C 59 4.06 12.54 15.22
C ASP C 59 5.39 12.12 15.86
N GLY C 60 6.52 12.66 15.39
CA GLY C 60 7.85 12.31 15.94
C GLY C 60 8.72 11.37 15.09
N ARG C 61 8.11 10.59 14.21
CA ARG C 61 8.84 9.67 13.32
C ARG C 61 9.77 10.39 12.37
N THR C 62 10.87 9.73 12.01
CA THR C 62 11.82 10.31 11.07
C THR C 62 12.01 9.45 9.84
N LEU C 63 12.43 10.13 8.78
CA LEU C 63 12.77 9.46 7.53
C LEU C 63 14.06 10.12 7.06
N THR C 64 15.03 9.29 6.68
CA THR C 64 16.26 9.77 6.03
C THR C 64 16.36 9.19 4.59
N GLU C 65 17.42 9.60 3.88
CA GLU C 65 17.67 9.25 2.46
C GLU C 65 16.76 10.02 1.54
N GLY C 66 17.34 10.93 0.75
CA GLY C 66 16.57 11.74 -0.17
C GLY C 66 15.49 11.00 -0.96
N PRO C 67 15.86 9.91 -1.67
CA PRO C 67 14.85 9.16 -2.42
C PRO C 67 13.63 8.64 -1.64
N ALA C 68 13.80 8.27 -0.37
CA ALA C 68 12.66 7.90 0.50
C ALA C 68 11.81 9.13 0.90
N ILE C 69 12.47 10.18 1.38
CA ILE C 69 11.80 11.44 1.74
C ILE C 69 10.93 12.00 0.60
N VAL C 70 11.50 12.15 -0.59
CA VAL C 70 10.80 12.82 -1.68
C VAL C 70 9.60 12.01 -2.21
N GLN C 71 9.65 10.69 -2.03
CA GLN C 71 8.51 9.83 -2.32
C GLN C 71 7.42 9.94 -1.24
N TYR C 72 7.81 9.97 0.03
CA TYR C 72 6.86 10.24 1.08
C TYR C 72 6.12 11.55 0.77
N VAL C 73 6.88 12.62 0.51
CA VAL C 73 6.33 13.93 0.21
C VAL C 73 5.33 13.93 -0.97
N ALA C 74 5.74 13.36 -2.10
CA ALA C 74 4.87 13.25 -3.27
C ALA C 74 3.59 12.46 -3.00
N ASP C 75 3.68 11.43 -2.16
CA ASP C 75 2.52 10.59 -1.86
C ASP C 75 1.48 11.30 -0.98
N GLN C 76 1.89 12.40 -0.34
CA GLN C 76 0.98 13.23 0.46
C GLN C 76 0.00 14.03 -0.39
N VAL C 77 0.39 14.30 -1.64
CA VAL C 77 -0.46 15.09 -2.55
C VAL C 77 -0.54 14.47 -3.95
N PRO C 78 -1.25 13.34 -4.08
CA PRO C 78 -1.35 12.62 -5.36
C PRO C 78 -1.93 13.46 -6.51
N GLY C 79 -2.71 14.49 -6.18
CA GLY C 79 -3.26 15.41 -7.19
C GLY C 79 -2.19 16.23 -7.91
N LYS C 80 -1.05 16.47 -7.25
CA LYS C 80 0.05 17.22 -7.84
C LYS C 80 0.84 16.38 -8.86
N GLN C 81 0.73 15.04 -8.76
CA GLN C 81 1.40 14.10 -9.68
C GLN C 81 2.92 14.25 -9.62
N LEU C 82 3.44 14.41 -8.41
CA LEU C 82 4.87 14.55 -8.19
C LEU C 82 5.62 13.21 -8.27
N ALA C 83 4.86 12.12 -8.24
CA ALA C 83 5.40 10.77 -8.47
C ALA C 83 4.27 9.95 -9.08
N PRO C 84 4.60 9.01 -9.99
CA PRO C 84 3.54 8.08 -10.41
C PRO C 84 3.02 7.27 -9.23
N ALA C 85 1.80 6.77 -9.39
CA ALA C 85 1.12 5.98 -8.39
C ALA C 85 1.90 4.73 -8.02
N ASN C 86 1.97 4.48 -6.72
CA ASN C 86 2.55 3.27 -6.19
C ASN C 86 1.96 2.02 -6.83
N GLY C 87 2.82 1.08 -7.16
CA GLY C 87 2.36 -0.15 -7.81
C GLY C 87 2.29 -0.06 -9.33
N SER C 88 2.36 1.13 -9.90
CA SER C 88 2.43 1.29 -11.36
C SER C 88 3.86 1.13 -11.83
N PHE C 89 4.04 0.73 -13.08
CA PHE C 89 5.38 0.55 -13.62
C PHE C 89 6.21 1.83 -13.56
N GLU C 90 5.61 2.97 -13.92
CA GLU C 90 6.29 4.24 -13.92
C GLU C 90 6.78 4.69 -12.51
N ARG C 91 6.15 4.17 -11.45
CA ARG C 91 6.66 4.40 -10.08
C ARG C 91 8.02 3.71 -9.83
N TYR C 92 8.17 2.47 -10.30
CA TYR C 92 9.47 1.74 -10.24
C TYR C 92 10.51 2.42 -11.11
N HIS C 93 10.06 2.92 -12.24
CA HIS C 93 10.88 3.75 -13.12
C HIS C 93 11.35 5.06 -12.42
N LEU C 94 10.48 5.68 -11.60
CA LEU C 94 10.90 6.82 -10.77
C LEU C 94 12.02 6.46 -9.76
N GLN C 95 11.85 5.31 -9.11
CA GLN C 95 12.77 4.78 -8.12
C GLN C 95 14.14 4.44 -8.74
N GLN C 96 14.09 3.92 -9.96
CA GLN C 96 15.28 3.70 -10.77
C GLN C 96 16.01 5.02 -10.94
N TRP C 97 15.31 6.04 -11.45
CA TRP C 97 15.95 7.32 -11.62
C TRP C 97 16.44 7.92 -10.31
N LEU C 98 15.66 7.78 -9.22
CA LEU C 98 16.09 8.34 -7.92
C LEU C 98 17.35 7.64 -7.39
N ASN C 99 17.42 6.31 -7.55
CA ASN C 99 18.61 5.59 -7.12
C ASN C 99 19.84 5.90 -7.99
N PHE C 100 19.61 6.04 -9.30
CA PHE C 100 20.63 6.50 -10.25
C PHE C 100 21.22 7.85 -9.84
N ILE C 101 20.36 8.82 -9.56
CA ILE C 101 20.85 10.15 -9.20
C ILE C 101 21.69 10.09 -7.93
N SER C 102 21.23 9.31 -6.96
CA SER C 102 21.89 9.19 -5.67
C SER C 102 23.23 8.44 -5.73
N SER C 103 23.24 7.26 -6.34
CA SER C 103 24.42 6.39 -6.34
C SER C 103 25.39 6.75 -7.45
N GLU C 104 24.86 7.19 -8.61
CA GLU C 104 25.66 7.45 -9.81
C GLU C 104 26.03 8.92 -10.04
N LEU C 105 25.29 9.85 -9.45
CA LEU C 105 25.60 11.27 -9.65
C LEU C 105 26.04 11.92 -8.34
N HIS C 106 25.11 11.97 -7.39
CA HIS C 106 25.31 12.63 -6.09
C HIS C 106 26.61 12.15 -5.42
N LYS C 107 26.78 10.85 -5.29
CA LYS C 107 27.92 10.29 -4.57
C LYS C 107 29.27 10.51 -5.26
N SER C 108 29.23 10.81 -6.56
CA SER C 108 30.41 11.18 -7.34
C SER C 108 30.76 12.65 -7.19
N PHE C 109 29.76 13.50 -6.92
CA PHE C 109 30.03 14.88 -6.57
C PHE C 109 30.70 15.00 -5.20
N SER C 110 30.41 14.06 -4.30
CA SER C 110 30.85 14.12 -2.89
C SER C 110 32.34 14.35 -2.64
N PRO C 111 33.22 13.56 -3.31
CA PRO C 111 34.68 13.75 -3.13
C PRO C 111 35.20 15.08 -3.65
N LEU C 112 34.53 15.66 -4.64
CA LEU C 112 34.88 16.98 -5.18
C LEU C 112 34.67 18.12 -4.18
N PHE C 113 33.74 17.95 -3.25
CA PHE C 113 33.49 18.97 -2.22
C PHE C 113 34.37 18.74 -1.01
N ASN C 114 35.29 17.78 -1.13
CA ASN C 114 36.23 17.46 -0.07
C ASN C 114 37.64 18.00 -0.36
N PRO C 115 38.16 18.89 0.52
CA PRO C 115 39.57 19.30 0.47
C PRO C 115 40.55 18.14 0.62
N ALA C 116 40.27 17.22 1.54
CA ALA C 116 41.19 16.12 1.88
C ALA C 116 41.20 14.97 0.86
N SER C 117 40.37 15.06 -0.17
CA SER C 117 40.35 14.08 -1.25
C SER C 117 41.54 14.28 -2.18
N SER C 118 42.23 13.20 -2.50
CA SER C 118 43.39 13.24 -3.39
C SER C 118 42.98 13.55 -4.82
N ASP C 119 43.88 14.17 -5.58
CA ASP C 119 43.56 14.57 -6.97
C ASP C 119 43.28 13.38 -7.87
N GLU C 120 43.74 12.20 -7.45
CA GLU C 120 43.48 10.95 -8.15
C GLU C 120 42.01 10.57 -8.02
N TRP C 121 41.51 10.61 -6.78
CA TRP C 121 40.10 10.33 -6.46
C TRP C 121 39.20 11.26 -7.28
N LYS C 122 39.51 12.55 -7.24
CA LYS C 122 38.73 13.58 -7.91
C LYS C 122 38.73 13.47 -9.43
N ASN C 123 39.87 13.07 -10.01
CA ASN C 123 39.96 12.92 -11.47
C ASN C 123 39.15 11.73 -11.96
N ALA C 124 39.13 10.65 -11.18
CA ALA C 124 38.38 9.44 -11.50
C ALA C 124 36.88 9.72 -11.48
N VAL C 125 36.46 10.35 -10.39
CA VAL C 125 35.09 10.79 -10.18
C VAL C 125 34.61 11.78 -11.25
N ARG C 126 35.49 12.69 -11.69
CA ARG C 126 35.15 13.63 -12.76
C ARG C 126 34.89 12.90 -14.07
N GLN C 127 35.57 11.76 -14.23
CA GLN C 127 35.48 10.90 -15.40
C GLN C 127 34.19 10.08 -15.43
N SER C 128 33.84 9.50 -14.27
CA SER C 128 32.57 8.76 -14.11
C SER C 128 31.39 9.68 -14.37
N LEU C 129 31.48 10.90 -13.84
CA LEU C 129 30.45 11.91 -14.02
C LEU C 129 30.27 12.29 -15.48
N ASN C 130 31.39 12.48 -16.19
CA ASN C 130 31.34 12.79 -17.61
C ASN C 130 30.50 11.77 -18.35
N THR C 131 30.68 10.49 -18.02
CA THR C 131 29.97 9.40 -18.68
C THR C 131 28.50 9.40 -18.27
N ARG C 132 28.27 9.52 -16.96
CA ARG C 132 26.95 9.39 -16.38
C ARG C 132 26.05 10.56 -16.81
N LEU C 133 26.60 11.79 -16.77
CA LEU C 133 25.90 13.00 -17.27
C LEU C 133 25.54 12.93 -18.76
N GLY C 134 26.38 12.29 -19.56
CA GLY C 134 26.05 11.97 -20.96
C GLY C 134 24.80 11.12 -21.06
N GLN C 135 24.72 10.08 -20.24
CA GLN C 135 23.52 9.22 -20.25
C GLN C 135 22.26 10.04 -19.93
N VAL C 136 22.34 10.96 -18.96
CA VAL C 136 21.18 11.79 -18.59
C VAL C 136 20.84 12.80 -19.68
N ALA C 137 21.86 13.36 -20.31
CA ALA C 137 21.68 14.32 -21.40
C ALA C 137 20.94 13.67 -22.58
N ARG C 138 21.29 12.42 -22.91
CA ARG C 138 20.56 11.66 -23.94
C ARG C 138 19.10 11.43 -23.54
N GLN C 139 18.87 11.14 -22.26
CA GLN C 139 17.52 10.93 -21.74
C GLN C 139 16.65 12.18 -21.91
N LEU C 140 17.26 13.35 -21.70
CA LEU C 140 16.55 14.62 -21.69
C LEU C 140 16.59 15.37 -23.04
N GLU C 141 17.06 14.67 -24.08
CA GLU C 141 17.21 15.27 -25.39
C GLU C 141 15.89 15.38 -26.14
N HIS C 142 15.06 14.36 -26.03
CA HIS C 142 13.81 14.34 -26.78
C HIS C 142 12.58 14.38 -25.88
N ALA C 143 12.79 14.64 -24.59
CA ALA C 143 11.70 14.76 -23.62
C ALA C 143 12.07 15.77 -22.53
N PRO C 144 11.07 16.54 -22.03
CA PRO C 144 11.42 17.62 -21.10
C PRO C 144 11.85 17.14 -19.70
N TYR C 145 11.38 15.97 -19.26
CA TYR C 145 11.65 15.45 -17.92
C TYR C 145 12.03 13.98 -17.97
N LEU C 146 12.58 13.48 -16.87
CA LEU C 146 13.13 12.11 -16.78
C LEU C 146 12.13 10.99 -17.12
N LEU C 147 10.87 11.17 -16.68
CA LEU C 147 9.80 10.21 -16.95
C LEU C 147 8.90 10.61 -18.12
N GLY C 148 9.29 11.66 -18.84
CA GLY C 148 8.55 12.09 -20.05
C GLY C 148 8.04 13.51 -19.98
N ASP C 149 6.73 13.67 -20.11
CA ASP C 149 6.09 15.01 -20.09
C ASP C 149 5.80 15.54 -18.70
N GLN C 150 5.82 14.64 -17.71
CA GLN C 150 5.44 14.99 -16.34
C GLN C 150 6.66 15.19 -15.45
N LEU C 151 6.79 16.40 -14.88
CA LEU C 151 7.77 16.63 -13.85
C LEU C 151 7.48 15.75 -12.63
N SER C 152 8.54 15.10 -12.14
CA SER C 152 8.49 14.31 -10.92
C SER C 152 9.57 14.74 -9.92
N VAL C 153 9.53 14.17 -8.72
CA VAL C 153 10.57 14.39 -7.71
C VAL C 153 11.99 13.94 -8.18
N ALA C 154 12.07 13.04 -9.17
CA ALA C 154 13.38 12.68 -9.76
C ALA C 154 14.02 13.87 -10.48
N ASP C 155 13.20 14.67 -11.17
CA ASP C 155 13.69 15.89 -11.83
C ASP C 155 14.17 16.91 -10.83
N ILE C 156 13.42 17.07 -9.74
CA ILE C 156 13.81 17.97 -8.65
C ILE C 156 15.18 17.56 -8.10
N TYR C 157 15.33 16.26 -7.82
CA TYR C 157 16.59 15.74 -7.32
C TYR C 157 17.70 16.01 -8.32
N LEU C 158 17.48 15.69 -9.60
CA LEU C 158 18.49 15.93 -10.64
C LEU C 158 18.91 17.40 -10.72
N PHE C 159 17.93 18.28 -10.69
CA PHE C 159 18.16 19.72 -10.74
C PHE C 159 19.07 20.19 -9.62
N VAL C 160 18.92 19.60 -8.44
CA VAL C 160 19.71 20.03 -7.28
C VAL C 160 21.17 19.60 -7.45
N VAL C 161 21.37 18.34 -7.82
CA VAL C 161 22.69 17.81 -8.08
C VAL C 161 23.39 18.58 -9.22
N LEU C 162 22.70 18.81 -10.34
CA LEU C 162 23.27 19.60 -11.43
C LEU C 162 23.69 21.00 -10.99
N GLY C 163 22.92 21.59 -10.08
CA GLY C 163 23.25 22.90 -9.50
C GLY C 163 24.59 22.95 -8.80
N TRP C 164 25.16 21.81 -8.47
CA TRP C 164 26.43 21.78 -7.77
C TRP C 164 27.63 21.99 -8.68
N SER C 165 27.41 21.88 -10.00
CA SER C 165 28.50 21.84 -10.97
C SER C 165 29.31 23.13 -11.03
N ALA C 166 28.63 24.27 -10.92
CA ALA C 166 29.27 25.61 -10.88
C ALA C 166 30.27 25.74 -9.74
N TYR C 167 29.98 25.12 -8.61
CA TYR C 167 30.82 25.25 -7.43
C TYR C 167 32.04 24.35 -7.45
N VAL C 168 31.98 23.29 -8.25
CA VAL C 168 33.09 22.35 -8.41
C VAL C 168 33.62 22.37 -9.84
N ASN C 169 33.36 23.48 -10.54
CA ASN C 169 33.95 23.80 -11.85
C ASN C 169 33.67 22.79 -12.97
N ILE C 170 32.55 22.08 -12.87
CA ILE C 170 32.06 21.22 -13.95
C ILE C 170 31.29 22.04 -14.99
N ASP C 171 31.74 21.93 -16.23
CA ASP C 171 31.12 22.61 -17.34
C ASP C 171 30.05 21.70 -17.92
N LEU C 172 28.83 22.21 -18.07
CA LEU C 172 27.74 21.44 -18.67
C LEU C 172 27.51 21.83 -20.14
N SER C 173 28.47 22.57 -20.71
CA SER C 173 28.44 23.00 -22.12
C SER C 173 28.34 21.87 -23.16
N PRO C 174 29.00 20.72 -22.91
CA PRO C 174 28.86 19.56 -23.81
C PRO C 174 27.45 18.94 -23.77
N TRP C 175 26.64 19.35 -22.79
CA TRP C 175 25.30 18.79 -22.63
C TRP C 175 24.21 19.87 -22.59
N PRO C 176 23.94 20.50 -23.74
CA PRO C 176 22.90 21.51 -23.87
C PRO C 176 21.50 21.10 -23.39
N SER C 177 21.18 19.80 -23.47
CA SER C 177 19.88 19.31 -22.99
C SER C 177 19.76 19.37 -21.45
N LEU C 178 20.91 19.34 -20.76
CA LEU C 178 20.96 19.46 -19.29
C LEU C 178 20.79 20.91 -18.85
N GLN C 179 21.40 21.84 -19.59
CA GLN C 179 21.19 23.27 -19.39
C GLN C 179 19.74 23.68 -19.67
N ALA C 180 19.15 23.08 -20.70
CA ALA C 180 17.75 23.32 -21.05
C ALA C 180 16.84 22.83 -19.93
N PHE C 181 17.18 21.66 -19.38
CA PHE C 181 16.45 21.08 -18.25
C PHE C 181 16.55 22.00 -17.03
N GLN C 182 17.76 22.52 -16.76
CA GLN C 182 17.95 23.47 -15.66
C GLN C 182 17.04 24.70 -15.74
N GLY C 183 16.89 25.27 -16.93
CA GLY C 183 16.03 26.42 -17.14
C GLY C 183 14.55 26.10 -17.06
N ARG C 184 14.21 24.91 -17.52
CA ARG C 184 12.86 24.38 -17.41
C ARG C 184 12.44 24.23 -15.94
N VAL C 185 13.31 23.65 -15.12
CA VAL C 185 12.98 23.35 -13.73
C VAL C 185 13.19 24.58 -12.83
N GLY C 186 14.29 25.28 -13.06
CA GLY C 186 14.68 26.44 -12.26
C GLY C 186 13.72 27.61 -12.34
N GLY C 187 12.85 27.59 -13.35
CA GLY C 187 11.88 28.66 -13.57
C GLY C 187 10.55 28.48 -12.84
N ARG C 188 10.38 27.31 -12.22
CA ARG C 188 9.23 27.03 -11.36
C ARG C 188 9.22 27.88 -10.08
N GLU C 189 8.05 28.40 -9.72
CA GLU C 189 7.88 29.26 -8.54
C GLU C 189 8.39 28.63 -7.23
N ALA C 190 8.14 27.33 -7.06
CA ALA C 190 8.59 26.61 -5.86
C ALA C 190 10.10 26.46 -5.80
N VAL C 191 10.74 26.31 -6.96
CA VAL C 191 12.20 26.18 -7.03
C VAL C 191 12.86 27.47 -6.59
N GLN C 192 12.46 28.59 -7.21
CA GLN C 192 13.00 29.91 -6.85
C GLN C 192 12.66 30.32 -5.41
N SER C 193 11.50 29.91 -4.93
CA SER C 193 11.08 30.14 -3.55
C SER C 193 11.98 29.43 -2.55
N ALA C 194 12.37 28.20 -2.88
CA ALA C 194 13.27 27.40 -2.03
C ALA C 194 14.68 28.00 -2.03
N LEU C 195 15.17 28.40 -3.21
CA LEU C 195 16.46 29.08 -3.33
C LEU C 195 16.51 30.35 -2.48
N ARG C 196 15.42 31.11 -2.50
CA ARG C 196 15.31 32.33 -1.70
C ARG C 196 15.30 31.98 -0.20
N ALA C 197 14.47 31.00 0.18
CA ALA C 197 14.34 30.58 1.58
C ALA C 197 15.63 29.99 2.16
N GLU C 198 16.52 29.52 1.29
CA GLU C 198 17.81 29.03 1.77
C GLU C 198 18.87 30.14 1.79
N GLY C 199 18.48 31.34 1.34
CA GLY C 199 19.37 32.50 1.32
C GLY C 199 20.39 32.45 0.21
N LEU C 200 20.02 31.79 -0.89
CA LEU C 200 20.90 31.59 -2.03
C LEU C 200 20.47 32.56 -3.13
N MET D 1 10.20 -13.28 -18.22
CA MET D 1 11.00 -12.35 -17.35
C MET D 1 12.47 -12.75 -17.33
N LYS D 2 13.35 -11.76 -17.54
CA LYS D 2 14.80 -11.98 -17.54
C LYS D 2 15.54 -11.09 -16.53
N LEU D 3 16.51 -11.70 -15.84
CA LEU D 3 17.46 -10.96 -15.01
C LEU D 3 18.85 -11.02 -15.62
N TYR D 4 19.35 -9.84 -15.99
CA TYR D 4 20.72 -9.71 -16.43
C TYR D 4 21.61 -9.63 -15.21
N TYR D 5 22.53 -10.58 -15.10
CA TYR D 5 23.31 -10.78 -13.87
C TYR D 5 24.76 -11.12 -14.17
N SER D 6 25.59 -11.01 -13.14
CA SER D 6 26.95 -11.51 -13.19
C SER D 6 27.27 -12.18 -11.86
N PRO D 7 27.78 -13.44 -11.89
CA PRO D 7 27.98 -14.17 -10.64
C PRO D 7 28.72 -13.35 -9.59
N GLY D 8 28.15 -13.33 -8.38
CA GLY D 8 28.71 -12.63 -7.24
C GLY D 8 28.52 -11.12 -7.21
N ALA D 9 28.09 -10.52 -8.31
CA ALA D 9 27.89 -9.07 -8.34
C ALA D 9 26.62 -8.73 -7.54
N CYS D 10 26.31 -7.44 -7.41
CA CYS D 10 25.09 -6.99 -6.70
C CYS D 10 23.79 -7.51 -7.33
N SER D 11 23.87 -7.95 -8.60
CA SER D 11 22.74 -8.58 -9.28
C SER D 11 22.28 -9.83 -8.54
N LEU D 12 23.10 -10.34 -7.62
CA LEU D 12 22.70 -11.45 -6.75
C LEU D 12 21.54 -11.08 -5.81
N SER D 13 21.43 -9.80 -5.45
CA SER D 13 20.26 -9.34 -4.67
C SER D 13 18.93 -9.60 -5.40
N PRO D 14 18.71 -8.99 -6.59
CA PRO D 14 17.46 -9.36 -7.28
C PRO D 14 17.30 -10.87 -7.60
N HIS D 15 18.43 -11.54 -7.85
CA HIS D 15 18.44 -12.98 -8.06
C HIS D 15 17.83 -13.70 -6.85
N ILE D 16 18.37 -13.46 -5.66
CA ILE D 16 17.79 -14.01 -4.44
C ILE D 16 16.31 -13.62 -4.27
N ALA D 17 15.98 -12.34 -4.50
CA ALA D 17 14.59 -11.85 -4.38
C ALA D 17 13.62 -12.64 -5.26
N LEU D 18 13.98 -12.82 -6.53
CA LEU D 18 13.15 -13.60 -7.47
C LEU D 18 12.87 -15.02 -6.95
N ARG D 19 13.91 -15.70 -6.47
CA ARG D 19 13.75 -17.01 -5.86
C ARG D 19 12.88 -16.99 -4.61
N GLU D 20 13.06 -15.96 -3.77
CA GLU D 20 12.27 -15.80 -2.55
C GLU D 20 10.81 -15.57 -2.88
N ALA D 21 10.56 -14.90 -4.00
CA ALA D 21 9.20 -14.63 -4.48
C ALA D 21 8.55 -15.86 -5.13
N GLY D 22 9.38 -16.81 -5.56
CA GLY D 22 8.91 -18.05 -6.19
C GLY D 22 8.50 -17.83 -7.63
N LEU D 23 9.06 -16.80 -8.25
CA LEU D 23 8.74 -16.41 -9.62
C LEU D 23 9.59 -17.18 -10.62
N ASN D 24 9.11 -17.26 -11.86
CA ASN D 24 9.88 -17.87 -12.96
C ASN D 24 10.57 -16.79 -13.76
N PHE D 25 11.85 -17.00 -14.02
CA PHE D 25 12.66 -16.02 -14.72
C PHE D 25 13.83 -16.71 -15.39
N GLU D 26 14.43 -16.04 -16.38
CA GLU D 26 15.62 -16.57 -17.02
C GLU D 26 16.85 -15.72 -16.67
N LEU D 27 17.92 -16.38 -16.22
CA LEU D 27 19.17 -15.67 -16.02
C LEU D 27 19.86 -15.41 -17.36
N VAL D 28 20.36 -14.20 -17.54
CA VAL D 28 21.17 -13.88 -18.70
C VAL D 28 22.47 -13.28 -18.17
N GLN D 29 23.60 -13.89 -18.51
CA GLN D 29 24.87 -13.41 -18.04
C GLN D 29 25.34 -12.30 -18.95
N VAL D 30 26.04 -11.32 -18.39
CA VAL D 30 26.54 -10.18 -19.13
C VAL D 30 28.07 -10.13 -18.98
N ASP D 31 28.77 -9.89 -20.09
CA ASP D 31 30.23 -9.62 -20.08
C ASP D 31 30.47 -8.14 -19.81
N LEU D 32 30.92 -7.86 -18.59
CA LEU D 32 31.02 -6.48 -18.08
C LEU D 32 32.08 -5.60 -18.80
N ALA D 33 32.80 -6.21 -19.74
CA ALA D 33 33.88 -5.58 -20.50
C ALA D 33 33.44 -5.16 -21.91
N SER D 34 32.98 -6.12 -22.70
CA SER D 34 32.54 -5.85 -24.07
C SER D 34 31.09 -5.37 -24.11
N LYS D 35 30.41 -5.52 -22.96
CA LYS D 35 28.98 -5.18 -22.81
C LYS D 35 28.16 -5.96 -23.83
N LYS D 36 28.30 -7.29 -23.72
CA LYS D 36 27.58 -8.23 -24.55
C LYS D 36 27.06 -9.36 -23.68
N THR D 37 25.86 -9.86 -24.00
CA THR D 37 25.23 -10.94 -23.24
C THR D 37 25.90 -12.28 -23.55
N ALA D 38 25.44 -13.35 -22.90
CA ALA D 38 25.95 -14.70 -23.15
C ALA D 38 25.70 -15.16 -24.59
N SER D 39 24.57 -14.74 -25.18
CA SER D 39 24.22 -15.07 -26.56
C SER D 39 24.92 -14.21 -27.63
N GLY D 40 25.56 -13.12 -27.19
CA GLY D 40 26.28 -12.21 -28.08
C GLY D 40 25.48 -11.00 -28.56
N GLN D 41 24.51 -10.58 -27.75
CA GLN D 41 23.77 -9.33 -28.02
C GLN D 41 24.44 -8.16 -27.32
N ASP D 42 24.19 -6.95 -27.81
CA ASP D 42 24.79 -5.74 -27.26
C ASP D 42 24.00 -5.22 -26.04
N TYR D 43 24.57 -5.42 -24.85
CA TYR D 43 23.93 -5.05 -23.58
C TYR D 43 23.65 -3.54 -23.38
N LEU D 44 24.42 -2.69 -24.06
CA LEU D 44 24.22 -1.24 -23.98
C LEU D 44 22.93 -0.80 -24.64
N GLU D 45 22.33 -1.68 -25.43
CA GLU D 45 20.97 -1.47 -25.93
C GLU D 45 19.91 -1.90 -24.92
N VAL D 46 20.32 -2.65 -23.91
CA VAL D 46 19.46 -3.05 -22.78
C VAL D 46 19.58 -2.02 -21.63
N ASN D 47 20.75 -1.96 -21.01
CA ASN D 47 21.11 -0.92 -20.03
C ASN D 47 22.29 -0.07 -20.55
N PRO D 48 22.01 1.15 -21.04
CA PRO D 48 23.06 2.07 -21.54
C PRO D 48 24.18 2.38 -20.54
N ALA D 49 23.88 2.31 -19.24
CA ALA D 49 24.91 2.49 -18.21
C ALA D 49 25.89 1.33 -18.16
N GLY D 50 25.50 0.21 -18.80
CA GLY D 50 26.37 -0.95 -18.95
C GLY D 50 26.58 -1.83 -17.72
N TYR D 51 25.86 -1.54 -16.64
CA TYR D 51 25.96 -2.40 -15.45
C TYR D 51 24.76 -3.33 -15.21
N VAL D 52 24.97 -4.32 -14.36
CA VAL D 52 23.91 -5.19 -13.89
C VAL D 52 23.53 -4.72 -12.48
N PRO D 53 22.31 -5.03 -12.00
CA PRO D 53 21.31 -5.81 -12.71
C PRO D 53 20.43 -5.02 -13.67
N CYS D 54 19.73 -5.76 -14.51
CA CYS D 54 18.62 -5.25 -15.27
C CYS D 54 17.55 -6.32 -15.25
N LEU D 55 16.34 -5.90 -14.94
CA LEU D 55 15.21 -6.79 -15.05
C LEU D 55 14.46 -6.43 -16.33
N GLN D 56 14.25 -7.42 -17.18
CA GLN D 56 13.41 -7.23 -18.36
C GLN D 56 12.10 -7.99 -18.15
N LEU D 57 11.00 -7.30 -18.39
CA LEU D 57 9.69 -7.91 -18.19
C LEU D 57 9.32 -8.78 -19.38
N ASP D 58 8.35 -9.67 -19.16
CA ASP D 58 7.79 -10.53 -20.21
C ASP D 58 7.45 -9.74 -21.47
N ASP D 59 6.95 -8.52 -21.30
CA ASP D 59 6.50 -7.65 -22.39
C ASP D 59 7.59 -6.78 -23.03
N GLY D 60 8.80 -6.83 -22.49
CA GLY D 60 9.92 -6.08 -23.07
C GLY D 60 10.39 -4.86 -22.29
N ARG D 61 9.55 -4.33 -21.39
CA ARG D 61 9.97 -3.22 -20.53
C ARG D 61 11.11 -3.62 -19.62
N THR D 62 12.00 -2.69 -19.35
CA THR D 62 13.11 -2.98 -18.44
C THR D 62 13.17 -2.02 -17.26
N LEU D 63 13.81 -2.50 -16.21
CA LEU D 63 14.05 -1.75 -14.99
C LEU D 63 15.52 -1.92 -14.65
N THR D 64 16.18 -0.86 -14.25
CA THR D 64 17.53 -0.95 -13.70
C THR D 64 17.53 -0.41 -12.26
N GLU D 65 18.72 -0.39 -11.64
CA GLU D 65 18.94 -0.07 -10.22
C GLU D 65 18.35 -1.12 -9.27
N GLY D 66 19.20 -1.75 -8.47
CA GLY D 66 18.79 -2.76 -7.50
C GLY D 66 17.54 -2.44 -6.67
N PRO D 67 17.55 -1.33 -5.90
CA PRO D 67 16.40 -0.89 -5.08
C PRO D 67 15.06 -0.78 -5.79
N ALA D 68 15.05 -0.40 -7.08
CA ALA D 68 13.84 -0.37 -7.89
C ALA D 68 13.40 -1.78 -8.28
N ILE D 69 14.36 -2.57 -8.74
CA ILE D 69 14.13 -3.91 -9.23
C ILE D 69 13.55 -4.79 -8.12
N VAL D 70 14.21 -4.77 -6.94
CA VAL D 70 13.78 -5.60 -5.80
C VAL D 70 12.40 -5.21 -5.25
N GLN D 71 12.05 -3.94 -5.34
CA GLN D 71 10.69 -3.49 -5.04
C GLN D 71 9.65 -3.99 -6.04
N TYR D 72 9.94 -3.89 -7.33
CA TYR D 72 9.08 -4.51 -8.33
C TYR D 72 8.85 -6.01 -8.04
N VAL D 73 9.91 -6.75 -7.78
CA VAL D 73 9.85 -8.18 -7.50
C VAL D 73 8.98 -8.53 -6.29
N ALA D 74 9.24 -7.85 -5.17
CA ALA D 74 8.45 -7.98 -3.95
C ALA D 74 6.97 -7.73 -4.21
N ASP D 75 6.63 -6.68 -4.97
CA ASP D 75 5.23 -6.29 -5.17
C ASP D 75 4.47 -7.23 -6.11
N GLN D 76 5.20 -8.14 -6.75
CA GLN D 76 4.60 -9.15 -7.62
C GLN D 76 4.03 -10.27 -6.78
N VAL D 77 4.65 -10.51 -5.62
CA VAL D 77 4.18 -11.55 -4.71
C VAL D 77 3.94 -11.06 -3.26
N PRO D 78 2.86 -10.29 -3.06
CA PRO D 78 2.53 -9.70 -1.77
C PRO D 78 2.52 -10.72 -0.62
N GLY D 79 1.99 -11.91 -0.89
CA GLY D 79 1.89 -12.97 0.11
C GLY D 79 3.21 -13.40 0.70
N LYS D 80 4.30 -13.12 0.01
CA LYS D 80 5.63 -13.45 0.51
C LYS D 80 6.12 -12.45 1.56
N GLN D 81 5.47 -11.29 1.62
CA GLN D 81 5.80 -10.21 2.56
C GLN D 81 7.29 -9.79 2.51
N LEU D 82 7.77 -9.55 1.30
CA LEU D 82 9.15 -9.18 1.05
C LEU D 82 9.38 -7.67 1.00
N ALA D 83 8.29 -6.91 1.03
CA ALA D 83 8.31 -5.45 1.23
C ALA D 83 7.00 -5.07 1.91
N PRO D 84 7.02 -4.06 2.78
CA PRO D 84 5.76 -3.52 3.30
C PRO D 84 4.85 -3.00 2.19
N ALA D 85 3.55 -3.04 2.43
CA ALA D 85 2.58 -2.53 1.48
C ALA D 85 2.91 -1.08 1.17
N ASN D 86 2.80 -0.73 -0.11
CA ASN D 86 3.04 0.66 -0.54
C ASN D 86 2.07 1.60 0.14
N GLY D 87 2.48 2.82 0.41
CA GLY D 87 1.59 3.70 1.16
C GLY D 87 1.59 3.50 2.67
N SER D 88 2.16 2.38 3.15
CA SER D 88 2.46 2.24 4.58
C SER D 88 3.75 2.99 4.89
N PHE D 89 3.84 3.53 6.10
CA PHE D 89 5.04 4.24 6.50
C PHE D 89 6.28 3.36 6.41
N GLU D 90 6.14 2.08 6.76
CA GLU D 90 7.27 1.14 6.74
C GLU D 90 7.88 0.87 5.35
N ARG D 91 7.10 1.12 4.30
CA ARG D 91 7.61 1.07 2.94
C ARG D 91 8.60 2.21 2.66
N TYR D 92 8.34 3.42 3.19
CA TYR D 92 9.35 4.48 3.10
C TYR D 92 10.61 4.14 3.87
N HIS D 93 10.44 3.48 5.01
CA HIS D 93 11.54 3.01 5.85
C HIS D 93 12.36 1.93 5.09
N LEU D 94 11.66 1.05 4.36
CA LEU D 94 12.32 0.09 3.42
C LEU D 94 13.15 0.82 2.35
N GLN D 95 12.55 1.81 1.71
CA GLN D 95 13.26 2.60 0.72
C GLN D 95 14.44 3.37 1.30
N GLN D 96 14.29 3.87 2.53
CA GLN D 96 15.41 4.48 3.26
C GLN D 96 16.60 3.52 3.37
N TRP D 97 16.36 2.30 3.84
CA TRP D 97 17.42 1.30 3.97
C TRP D 97 18.02 0.88 2.63
N LEU D 98 17.19 0.77 1.60
CA LEU D 98 17.68 0.40 0.26
C LEU D 98 18.67 1.43 -0.26
N ASN D 99 18.30 2.70 -0.10
CA ASN D 99 19.16 3.80 -0.50
C ASN D 99 20.41 3.91 0.36
N PHE D 100 20.30 3.62 1.65
CA PHE D 100 21.48 3.57 2.52
C PHE D 100 22.45 2.46 2.09
N ILE D 101 21.93 1.26 1.87
CA ILE D 101 22.78 0.15 1.40
C ILE D 101 23.46 0.53 0.08
N SER D 102 22.69 1.06 -0.86
CA SER D 102 23.24 1.41 -2.17
C SER D 102 24.29 2.52 -2.11
N SER D 103 23.96 3.64 -1.47
CA SER D 103 24.86 4.80 -1.50
C SER D 103 25.93 4.84 -0.42
N GLU D 104 25.66 4.23 0.74
CA GLU D 104 26.58 4.29 1.88
C GLU D 104 27.40 3.03 2.08
N LEU D 105 26.94 1.90 1.56
CA LEU D 105 27.67 0.65 1.68
C LEU D 105 28.22 0.20 0.31
N HIS D 106 27.34 -0.32 -0.55
CA HIS D 106 27.66 -0.68 -1.94
C HIS D 106 28.71 0.24 -2.60
N LYS D 107 28.39 1.53 -2.77
CA LYS D 107 29.30 2.47 -3.44
C LYS D 107 30.66 2.66 -2.74
N SER D 108 30.72 2.29 -1.46
CA SER D 108 31.98 2.33 -0.72
C SER D 108 32.84 1.07 -0.96
N PHE D 109 32.20 -0.08 -1.15
CA PHE D 109 32.92 -1.30 -1.54
C PHE D 109 33.59 -1.15 -2.90
N SER D 110 33.02 -0.32 -3.76
CA SER D 110 33.48 -0.17 -5.15
C SER D 110 34.98 0.15 -5.36
N PRO D 111 35.53 1.19 -4.68
CA PRO D 111 36.95 1.49 -4.89
C PRO D 111 37.88 0.47 -4.21
N LEU D 112 37.32 -0.36 -3.33
CA LEU D 112 38.11 -1.40 -2.67
C LEU D 112 38.38 -2.55 -3.64
N PHE D 113 37.49 -2.74 -4.61
CA PHE D 113 37.67 -3.75 -5.66
C PHE D 113 38.66 -3.30 -6.75
N ASN D 114 38.86 -1.99 -6.87
CA ASN D 114 39.65 -1.36 -7.93
C ASN D 114 41.16 -1.37 -7.65
N PRO D 115 41.94 -2.08 -8.50
CA PRO D 115 43.41 -2.13 -8.38
C PRO D 115 44.10 -0.79 -8.63
N ALA D 116 43.46 0.07 -9.42
CA ALA D 116 44.00 1.39 -9.78
C ALA D 116 44.04 2.36 -8.60
N SER D 117 42.95 2.38 -7.82
CA SER D 117 42.80 3.32 -6.71
C SER D 117 43.95 3.24 -5.70
N SER D 118 44.42 4.41 -5.26
CA SER D 118 45.54 4.53 -4.33
C SER D 118 45.21 3.98 -2.95
N ASP D 119 46.25 3.72 -2.16
CA ASP D 119 46.10 3.27 -0.77
C ASP D 119 45.54 4.38 0.12
N GLU D 120 45.75 5.64 -0.29
CA GLU D 120 45.24 6.79 0.46
C GLU D 120 43.72 6.87 0.30
N TRP D 121 43.25 6.63 -0.92
CA TRP D 121 41.83 6.62 -1.25
C TRP D 121 41.15 5.48 -0.48
N LYS D 122 41.63 4.25 -0.67
CA LYS D 122 41.07 3.06 -0.02
C LYS D 122 40.93 3.18 1.50
N ASN D 123 41.91 3.81 2.16
CA ASN D 123 41.92 3.92 3.61
C ASN D 123 40.87 4.90 4.15
N ALA D 124 40.60 5.95 3.38
CA ALA D 124 39.55 6.92 3.71
C ALA D 124 38.17 6.25 3.61
N VAL D 125 37.99 5.44 2.57
CA VAL D 125 36.76 4.71 2.34
C VAL D 125 36.55 3.59 3.37
N ARG D 126 37.63 2.91 3.76
CA ARG D 126 37.55 1.87 4.80
C ARG D 126 37.07 2.43 6.15
N GLN D 127 37.48 3.65 6.47
CA GLN D 127 37.10 4.29 7.72
C GLN D 127 35.62 4.68 7.73
N SER D 128 35.15 5.27 6.62
CA SER D 128 33.74 5.61 6.44
C SER D 128 32.87 4.35 6.49
N LEU D 129 33.35 3.28 5.84
CA LEU D 129 32.64 2.01 5.87
C LEU D 129 32.51 1.43 7.27
N ASN D 130 33.59 1.49 8.05
CA ASN D 130 33.56 0.98 9.42
C ASN D 130 32.48 1.69 10.25
N THR D 131 32.39 3.01 10.07
CA THR D 131 31.40 3.86 10.71
C THR D 131 29.98 3.45 10.29
N ARG D 132 29.76 3.27 8.98
CA ARG D 132 28.44 2.91 8.47
C ARG D 132 28.03 1.48 8.81
N LEU D 133 29.02 0.59 8.88
CA LEU D 133 28.81 -0.78 9.31
C LEU D 133 28.40 -0.84 10.77
N GLY D 134 29.04 -0.02 11.61
CA GLY D 134 28.66 0.16 13.01
C GLY D 134 27.19 0.54 13.16
N GLN D 135 26.73 1.48 12.34
CA GLN D 135 25.33 1.92 12.32
C GLN D 135 24.35 0.80 11.96
N VAL D 136 24.66 0.05 10.88
CA VAL D 136 23.81 -1.08 10.48
C VAL D 136 23.81 -2.18 11.55
N ALA D 137 24.99 -2.46 12.10
CA ALA D 137 25.16 -3.37 13.24
C ALA D 137 24.27 -3.00 14.42
N ARG D 138 24.21 -1.71 14.76
CA ARG D 138 23.34 -1.27 15.87
C ARG D 138 21.85 -1.54 15.56
N GLN D 139 21.44 -1.22 14.33
CA GLN D 139 20.08 -1.53 13.88
C GLN D 139 19.76 -3.00 14.09
N LEU D 140 20.70 -3.88 13.71
CA LEU D 140 20.48 -5.35 13.80
C LEU D 140 20.70 -5.94 15.22
N GLU D 141 20.91 -5.09 16.22
CA GLU D 141 20.75 -5.52 17.61
C GLU D 141 19.29 -5.46 18.07
N HIS D 142 18.50 -4.57 17.45
CA HIS D 142 17.08 -4.36 17.81
C HIS D 142 16.14 -5.46 17.37
N ALA D 143 16.50 -6.13 16.28
CA ALA D 143 15.64 -7.13 15.66
C ALA D 143 16.47 -7.95 14.68
N PRO D 144 16.02 -9.15 14.32
CA PRO D 144 16.84 -9.98 13.45
C PRO D 144 16.94 -9.47 12.01
N TYR D 145 16.03 -8.59 11.61
CA TYR D 145 16.06 -7.97 10.27
C TYR D 145 15.94 -6.45 10.35
N LEU D 146 16.31 -5.78 9.27
CA LEU D 146 16.32 -4.31 9.18
C LEU D 146 15.03 -3.65 9.63
N LEU D 147 13.88 -4.25 9.28
CA LEU D 147 12.58 -3.67 9.60
C LEU D 147 11.81 -4.41 10.72
N GLY D 148 12.49 -5.32 11.42
CA GLY D 148 11.82 -6.10 12.45
C GLY D 148 12.01 -7.59 12.31
N ASP D 149 10.91 -8.33 12.45
CA ASP D 149 10.95 -9.80 12.53
C ASP D 149 10.79 -10.52 11.19
N GLN D 150 10.45 -9.80 10.12
CA GLN D 150 10.26 -10.39 8.79
C GLN D 150 11.35 -9.93 7.82
N LEU D 151 11.91 -10.87 7.07
CA LEU D 151 12.90 -10.59 6.03
C LEU D 151 12.26 -9.77 4.89
N SER D 152 12.95 -8.71 4.49
CA SER D 152 12.55 -7.88 3.37
C SER D 152 13.66 -7.84 2.32
N VAL D 153 13.34 -7.32 1.15
CA VAL D 153 14.35 -7.17 0.09
C VAL D 153 15.54 -6.29 0.51
N ALA D 154 15.39 -5.51 1.58
CA ALA D 154 16.53 -4.73 2.08
C ALA D 154 17.55 -5.63 2.76
N ASP D 155 17.08 -6.63 3.51
CA ASP D 155 17.94 -7.63 4.13
C ASP D 155 18.71 -8.42 3.09
N ILE D 156 17.99 -8.82 2.05
CA ILE D 156 18.59 -9.49 0.89
C ILE D 156 19.72 -8.66 0.30
N TYR D 157 19.47 -7.38 -0.02
CA TYR D 157 20.50 -6.47 -0.52
C TYR D 157 21.71 -6.35 0.42
N LEU D 158 21.43 -6.10 1.71
CA LEU D 158 22.47 -6.02 2.73
C LEU D 158 23.32 -7.30 2.81
N PHE D 159 22.67 -8.47 2.77
CA PHE D 159 23.35 -9.77 2.74
C PHE D 159 24.35 -9.87 1.57
N VAL D 160 23.91 -9.51 0.38
CA VAL D 160 24.80 -9.53 -0.78
C VAL D 160 26.03 -8.65 -0.61
N VAL D 161 25.80 -7.40 -0.17
CA VAL D 161 26.87 -6.42 0.02
C VAL D 161 27.84 -6.85 1.12
N LEU D 162 27.29 -7.37 2.22
CA LEU D 162 28.12 -7.82 3.36
C LEU D 162 28.99 -9.00 2.92
N GLY D 163 28.43 -9.82 2.02
CA GLY D 163 29.09 -11.00 1.47
C GLY D 163 30.36 -10.70 0.71
N TRP D 164 30.51 -9.44 0.29
CA TRP D 164 31.69 -8.98 -0.41
C TRP D 164 32.87 -8.74 0.54
N SER D 165 32.61 -8.77 1.84
CA SER D 165 33.62 -8.41 2.84
C SER D 165 34.89 -9.27 2.78
N ALA D 166 34.72 -10.56 2.49
CA ALA D 166 35.83 -11.52 2.38
C ALA D 166 36.81 -11.17 1.26
N TYR D 167 36.28 -10.59 0.19
CA TYR D 167 37.04 -10.25 -1.02
C TYR D 167 37.80 -8.94 -0.90
N VAL D 168 37.49 -8.16 0.13
CA VAL D 168 38.15 -6.87 0.34
C VAL D 168 38.82 -6.81 1.71
N ASN D 169 38.97 -7.98 2.32
CA ASN D 169 39.68 -8.14 3.59
C ASN D 169 39.03 -7.38 4.75
N ILE D 170 37.70 -7.36 4.76
CA ILE D 170 36.94 -6.84 5.91
C ILE D 170 36.45 -8.00 6.76
N ASP D 171 36.92 -8.04 8.01
CA ASP D 171 36.45 -8.99 8.98
C ASP D 171 35.22 -8.38 9.67
N LEU D 172 34.16 -9.18 9.75
CA LEU D 172 32.89 -8.77 10.33
C LEU D 172 32.73 -9.15 11.82
N SER D 173 33.78 -9.72 12.41
CA SER D 173 33.80 -10.15 13.84
C SER D 173 33.54 -9.03 14.84
N PRO D 174 34.06 -7.81 14.57
CA PRO D 174 33.80 -6.68 15.46
C PRO D 174 32.32 -6.36 15.64
N TRP D 175 31.46 -6.87 14.76
CA TRP D 175 30.02 -6.63 14.88
C TRP D 175 29.23 -7.95 14.92
N PRO D 176 29.09 -8.53 16.11
CA PRO D 176 28.37 -9.80 16.31
C PRO D 176 27.00 -9.88 15.61
N SER D 177 26.25 -8.78 15.63
CA SER D 177 24.91 -8.71 15.04
C SER D 177 24.91 -8.85 13.51
N LEU D 178 25.97 -8.38 12.86
CA LEU D 178 26.18 -8.60 11.43
C LEU D 178 26.54 -10.04 11.04
N GLN D 179 27.32 -10.71 11.89
CA GLN D 179 27.62 -12.13 11.70
C GLN D 179 26.40 -12.99 11.94
N ALA D 180 25.63 -12.65 12.97
CA ALA D 180 24.35 -13.32 13.22
C ALA D 180 23.37 -13.12 12.06
N PHE D 181 23.38 -11.93 11.46
CA PHE D 181 22.56 -11.61 10.31
C PHE D 181 22.97 -12.45 9.08
N GLN D 182 24.26 -12.40 8.74
CA GLN D 182 24.84 -13.22 7.65
C GLN D 182 24.40 -14.68 7.73
N GLY D 183 24.53 -15.28 8.90
CA GLY D 183 24.18 -16.67 9.12
C GLY D 183 22.70 -16.93 8.95
N ARG D 184 21.88 -16.03 9.50
CA ARG D 184 20.43 -16.13 9.46
C ARG D 184 19.84 -16.04 8.04
N VAL D 185 20.44 -15.18 7.22
CA VAL D 185 20.01 -15.00 5.83
C VAL D 185 20.70 -16.01 4.90
N GLY D 186 21.96 -16.35 5.22
CA GLY D 186 22.77 -17.23 4.39
C GLY D 186 22.27 -18.67 4.30
N GLY D 187 21.53 -19.09 5.31
CA GLY D 187 21.06 -20.47 5.40
C GLY D 187 19.65 -20.71 4.89
N ARG D 188 19.04 -19.69 4.30
CA ARG D 188 17.71 -19.82 3.69
C ARG D 188 17.84 -20.59 2.37
N GLU D 189 16.84 -21.40 2.06
CA GLU D 189 16.93 -22.25 0.85
C GLU D 189 17.04 -21.45 -0.45
N ALA D 190 16.16 -20.47 -0.62
CA ALA D 190 16.18 -19.60 -1.80
C ALA D 190 17.53 -18.92 -2.01
N VAL D 191 18.18 -18.55 -0.90
CA VAL D 191 19.50 -17.91 -0.93
C VAL D 191 20.56 -18.90 -1.41
N GLN D 192 20.53 -20.10 -0.83
CA GLN D 192 21.40 -21.22 -1.23
C GLN D 192 21.25 -21.57 -2.71
N SER D 193 19.98 -21.70 -3.16
CA SER D 193 19.68 -21.99 -4.58
C SER D 193 20.24 -20.94 -5.53
N ALA D 194 20.28 -19.69 -5.07
CA ALA D 194 20.81 -18.59 -5.84
C ALA D 194 22.33 -18.66 -5.89
N LEU D 195 22.97 -18.99 -4.76
CA LEU D 195 24.43 -19.16 -4.71
C LEU D 195 24.88 -20.30 -5.62
N ARG D 196 24.16 -21.42 -5.55
CA ARG D 196 24.42 -22.60 -6.39
C ARG D 196 24.31 -22.24 -7.87
N ALA D 197 23.15 -21.72 -8.28
CA ALA D 197 22.93 -21.32 -9.66
C ALA D 197 23.95 -20.28 -10.17
N GLU D 198 24.66 -19.61 -9.25
CA GLU D 198 25.71 -18.66 -9.63
C GLU D 198 27.13 -19.28 -9.47
N GLY D 199 27.19 -20.48 -8.91
CA GLY D 199 28.44 -21.20 -8.71
C GLY D 199 29.36 -20.59 -7.64
N LEU D 200 28.82 -20.40 -6.44
CA LEU D 200 29.53 -19.66 -5.40
C LEU D 200 29.69 -20.44 -4.09
#